data_5G37
#
_entry.id   5G37
#
_cell.length_a   86.787
_cell.length_b   96.996
_cell.length_c   127.075
_cell.angle_alpha   90.00
_cell.angle_beta   90.00
_cell.angle_gamma   90.00
#
_symmetry.space_group_name_H-M   'P 21 21 21'
#
loop_
_entity.id
_entity.type
_entity.pdbx_description
1 polymer '41.9 KDA INSECTICIDAL TOXIN'
2 polymer 'LARVICIDAL TOXIN 51 KDA PROTEIN'
3 water water
#
loop_
_entity_poly.entity_id
_entity_poly.type
_entity_poly.pdbx_seq_one_letter_code
_entity_poly.pdbx_strand_id
1 'polypeptide(L)'
;MRNLDFIDSFIPTEGKYIRVMDFYNSEYPFCIHAPSAPNGDIMTEICSRENNQYFIFFPTDDGRVIIANRHNGSVFTGEA
TSVVSDIYTGSPLQFFREVKRTMATYYLAIQNPESATDVRALEPHSHELPSRLYYTNNIENNSNILISNKEQIYLTLPSL
PENEQYPKTPVLSGIDDIGPNQSEKSIIGSTLIPCIMVSDFISLGERMKTTPYYYVKHTQYWQSMWSALFPPGSKETKTE
KSGITDTSQISMTDGINVSIGADFGLRFGNKTFGIKGGFTYDTKTQITNTSQLLIETTYTREYTNTENFPVRYTGYVLAS
EFTLHRSDGTQVNTIPWVALNDNYTTIARYPHFASEPLLGNTKIIT
;
A
2 'polypeptide(L)'
;MCDSKDNSGVSEKCGKKFTNYPLNTTPTSLNYNLPEISKKFYNLKNKYSRNGYGLSKTEFPSSIENCPSNEYSIMYDNKD
PRFLIRFLLDDGRYIIADRDDGEVFDEAPTYLDNNNHPIISRHYTGEERQKFEQVGSGDYITGEQFFQFYTQNKTRVLSN
CRALDSRTILLSTAKIFPIYPPASETQLTAFVNSSFYAAAIPQLPQTSLLENIPEPTSLDDSGVLPKDAVRAVKGSALLP
CIIVHDPNLNNSDKMKFNTYYLLEYKEYWHQLWSQIIPAHQTVKIQERTGISEVVQNSMIEDLNMYIGADFGMLFYFRSS
GFKEQITRGLNRPLSQTTTQLGERVEEMEYYNSNDLDVRYVKYALAREFTLKRVNGEIVKNWVAVDYRLAGIQSYPNAPI
TNPLTLTKHTIIRCENSYDGHIFKTPLIFKNGEVIVKTNEELIPKINQ
;
B
#
# COMPACT_ATOMS: atom_id res chain seq x y z
N ASN A 3 -3.05 -23.20 -14.55
CA ASN A 3 -2.55 -21.88 -14.16
C ASN A 3 -2.91 -21.58 -12.70
N LEU A 4 -2.85 -22.61 -11.86
CA LEU A 4 -3.21 -22.44 -10.45
C LEU A 4 -2.28 -21.46 -9.73
N ASP A 5 -1.09 -21.21 -10.26
CA ASP A 5 -0.20 -20.21 -9.67
C ASP A 5 -0.78 -18.80 -9.74
N PHE A 6 -1.70 -18.55 -10.67
CA PHE A 6 -2.29 -17.23 -10.84
C PHE A 6 -3.80 -17.28 -10.69
N ILE A 7 -4.29 -17.93 -9.63
CA ILE A 7 -5.72 -18.04 -9.43
C ILE A 7 -6.34 -16.70 -9.05
N ASP A 8 -5.55 -15.78 -8.50
CA ASP A 8 -6.04 -14.47 -8.11
C ASP A 8 -6.11 -13.50 -9.28
N SER A 9 -5.71 -13.92 -10.48
CA SER A 9 -5.81 -13.11 -11.68
C SER A 9 -7.03 -13.44 -12.52
N PHE A 10 -7.81 -14.47 -12.13
CA PHE A 10 -9.01 -14.81 -12.88
C PHE A 10 -10.09 -13.75 -12.70
N ILE A 11 -10.12 -13.08 -11.56
CA ILE A 11 -10.99 -11.93 -11.34
C ILE A 11 -10.08 -10.74 -11.06
N PRO A 12 -9.69 -9.98 -12.08
CA PRO A 12 -8.66 -8.95 -11.91
C PRO A 12 -9.20 -7.63 -11.38
N THR A 13 -8.28 -6.81 -10.91
CA THR A 13 -8.61 -5.47 -10.43
C THR A 13 -8.97 -4.58 -11.61
N GLU A 14 -9.45 -3.37 -11.29
CA GLU A 14 -10.02 -2.49 -12.30
C GLU A 14 -8.99 -1.94 -13.28
N GLY A 15 -7.70 -2.01 -12.94
CA GLY A 15 -6.69 -1.43 -13.81
C GLY A 15 -5.90 -2.42 -14.63
N LYS A 16 -6.44 -3.62 -14.81
N LYS A 16 -6.44 -3.62 -14.81
CA LYS A 16 -5.77 -4.69 -15.53
CA LYS A 16 -5.75 -4.68 -15.56
C LYS A 16 -6.44 -5.02 -16.87
C LYS A 16 -6.47 -5.04 -16.85
N TYR A 17 -7.39 -4.20 -17.31
CA TYR A 17 -8.08 -4.49 -18.57
C TYR A 17 -8.68 -3.20 -19.13
N ILE A 18 -8.84 -3.19 -20.45
CA ILE A 18 -9.57 -2.15 -21.17
C ILE A 18 -11.05 -2.50 -21.16
N ARG A 19 -11.90 -1.49 -21.07
CA ARG A 19 -13.34 -1.72 -20.94
C ARG A 19 -14.12 -0.84 -21.92
N VAL A 20 -15.33 -1.32 -22.24
CA VAL A 20 -16.33 -0.56 -22.98
C VAL A 20 -17.56 -0.44 -22.09
N MET A 21 -18.00 0.79 -21.85
CA MET A 21 -19.05 1.07 -20.88
C MET A 21 -20.35 1.46 -21.55
N ASP A 22 -21.45 1.17 -20.87
CA ASP A 22 -22.78 1.57 -21.29
C ASP A 22 -23.65 1.70 -20.05
N PHE A 23 -24.74 2.45 -20.17
CA PHE A 23 -25.68 2.59 -19.07
C PHE A 23 -26.68 1.45 -19.12
N TYR A 24 -27.17 1.06 -17.94
N TYR A 24 -27.19 1.08 -17.94
CA TYR A 24 -27.85 -0.23 -17.81
CA TYR A 24 -27.86 -0.20 -17.76
C TYR A 24 -29.22 -0.22 -18.50
C TYR A 24 -29.23 -0.24 -18.43
N ASN A 25 -30.02 0.82 -18.28
CA ASN A 25 -31.39 0.87 -18.81
C ASN A 25 -31.47 1.64 -20.12
N SER A 26 -30.48 1.49 -20.99
CA SER A 26 -30.52 2.12 -22.31
C SER A 26 -31.35 1.26 -23.27
N GLU A 27 -32.20 1.93 -24.06
CA GLU A 27 -33.04 1.22 -25.00
C GLU A 27 -32.26 0.74 -26.22
N TYR A 28 -31.42 1.61 -26.79
CA TYR A 28 -30.59 1.29 -27.94
C TYR A 28 -29.15 1.06 -27.50
N PRO A 29 -28.35 0.34 -28.29
CA PRO A 29 -26.95 0.10 -27.92
C PRO A 29 -26.12 1.37 -27.93
N PHE A 30 -26.09 2.08 -26.81
CA PHE A 30 -25.27 3.28 -26.65
C PHE A 30 -24.04 2.96 -25.81
N CYS A 31 -22.89 3.47 -26.24
CA CYS A 31 -21.64 3.29 -25.52
C CYS A 31 -21.05 4.66 -25.18
N ILE A 32 -20.28 4.71 -24.10
CA ILE A 32 -19.64 5.96 -23.70
C ILE A 32 -18.52 6.29 -24.69
N HIS A 33 -18.53 7.53 -25.18
CA HIS A 33 -17.66 7.96 -26.27
C HIS A 33 -16.88 9.19 -25.84
N ALA A 34 -15.56 9.14 -26.03
CA ALA A 34 -14.69 10.28 -25.76
C ALA A 34 -14.46 11.08 -27.03
N PRO A 35 -14.35 12.40 -26.92
CA PRO A 35 -14.14 13.23 -28.12
C PRO A 35 -12.77 12.99 -28.74
N SER A 36 -12.74 13.07 -30.07
CA SER A 36 -11.48 12.88 -30.79
C SER A 36 -10.48 14.00 -30.49
N ALA A 37 -10.97 15.19 -30.21
CA ALA A 37 -10.08 16.29 -29.86
C ALA A 37 -9.55 16.10 -28.44
N PRO A 38 -8.40 16.71 -28.13
CA PRO A 38 -7.89 16.64 -26.75
C PRO A 38 -8.85 17.22 -25.72
N ASN A 39 -9.77 18.08 -26.12
CA ASN A 39 -10.80 18.62 -25.25
C ASN A 39 -12.16 18.40 -25.89
N GLY A 40 -13.19 18.35 -25.06
CA GLY A 40 -14.55 18.16 -25.54
C GLY A 40 -15.38 17.41 -24.52
N ASP A 41 -16.67 17.33 -24.83
CA ASP A 41 -17.63 16.69 -23.94
C ASP A 41 -17.65 15.18 -24.14
N ILE A 42 -17.92 14.46 -23.05
N ILE A 42 -17.97 14.46 -23.07
CA ILE A 42 -18.12 13.02 -23.10
CA ILE A 42 -18.09 13.00 -23.13
C ILE A 42 -19.56 12.76 -23.51
C ILE A 42 -19.54 12.66 -23.42
N MET A 43 -19.74 11.87 -24.48
CA MET A 43 -21.07 11.54 -24.98
C MET A 43 -21.32 10.05 -24.91
N THR A 44 -22.60 9.69 -24.91
CA THR A 44 -23.03 8.31 -25.12
C THR A 44 -23.43 8.20 -26.58
N GLU A 45 -22.51 7.75 -27.42
CA GLU A 45 -22.78 7.53 -28.83
C GLU A 45 -23.12 6.06 -29.09
N ILE A 46 -23.59 5.78 -30.29
CA ILE A 46 -23.90 4.41 -30.67
C ILE A 46 -22.61 3.60 -30.69
N CYS A 47 -22.69 2.35 -30.23
CA CYS A 47 -21.50 1.55 -30.03
C CYS A 47 -20.83 1.22 -31.36
N SER A 48 -19.50 1.27 -31.36
CA SER A 48 -18.70 0.89 -32.52
C SER A 48 -17.29 0.56 -32.04
N ARG A 49 -16.50 -0.02 -32.93
CA ARG A 49 -15.12 -0.39 -32.62
C ARG A 49 -14.21 0.78 -32.97
N GLU A 50 -14.14 1.74 -32.05
CA GLU A 50 -13.26 2.89 -32.17
C GLU A 50 -12.64 3.18 -30.81
N ASN A 51 -11.37 3.59 -30.82
CA ASN A 51 -10.63 3.81 -29.58
C ASN A 51 -11.26 4.91 -28.71
N ASN A 52 -12.19 5.70 -29.25
CA ASN A 52 -12.87 6.70 -28.45
C ASN A 52 -13.79 6.07 -27.40
N GLN A 53 -14.16 4.80 -27.58
CA GLN A 53 -15.06 4.10 -26.66
C GLN A 53 -14.32 3.10 -25.79
N TYR A 54 -12.99 3.09 -25.81
CA TYR A 54 -12.19 2.18 -25.00
C TYR A 54 -11.48 2.97 -23.91
N PHE A 55 -11.57 2.50 -22.67
CA PHE A 55 -11.06 3.23 -21.52
C PHE A 55 -10.28 2.29 -20.61
N ILE A 56 -9.38 2.88 -19.83
CA ILE A 56 -8.58 2.18 -18.83
C ILE A 56 -8.69 2.95 -17.51
N PHE A 57 -8.99 2.23 -16.43
CA PHE A 57 -9.09 2.83 -15.10
C PHE A 57 -7.76 2.65 -14.39
N PHE A 58 -6.97 3.73 -14.33
CA PHE A 58 -5.71 3.70 -13.59
C PHE A 58 -5.99 3.89 -12.10
N PRO A 59 -5.71 2.89 -11.25
CA PRO A 59 -6.01 3.03 -9.84
C PRO A 59 -5.04 3.97 -9.12
N THR A 60 -5.49 4.48 -7.99
CA THR A 60 -4.69 5.31 -7.10
C THR A 60 -4.66 4.70 -5.71
N ASP A 61 -3.99 5.38 -4.77
CA ASP A 61 -3.77 4.82 -3.45
C ASP A 61 -5.08 4.56 -2.72
N ASP A 62 -5.99 5.52 -2.74
CA ASP A 62 -7.23 5.43 -1.96
C ASP A 62 -8.33 4.63 -2.67
N GLY A 63 -8.03 4.03 -3.82
CA GLY A 63 -9.00 3.26 -4.56
C GLY A 63 -9.62 3.99 -5.74
N ARG A 64 -9.52 5.31 -5.77
CA ARG A 64 -10.08 6.07 -6.89
C ARG A 64 -9.29 5.78 -8.16
N VAL A 65 -9.88 6.16 -9.30
CA VAL A 65 -9.34 5.81 -10.60
C VAL A 65 -9.30 7.05 -11.50
N ILE A 66 -8.40 7.00 -12.48
CA ILE A 66 -8.27 8.02 -13.51
C ILE A 66 -8.69 7.38 -14.83
N ILE A 67 -9.72 7.94 -15.46
CA ILE A 67 -10.42 7.30 -16.57
C ILE A 67 -9.89 7.91 -17.86
N ALA A 68 -8.98 7.21 -18.53
CA ALA A 68 -8.35 7.69 -19.76
C ALA A 68 -8.85 6.87 -20.96
N ASN A 69 -9.01 7.55 -22.10
CA ASN A 69 -9.45 6.89 -23.32
C ASN A 69 -8.24 6.44 -24.13
N ARG A 70 -8.45 5.37 -24.90
CA ARG A 70 -7.37 4.75 -25.67
C ARG A 70 -7.04 5.51 -26.95
N HIS A 71 -7.84 6.49 -27.34
CA HIS A 71 -7.58 7.21 -28.58
C HIS A 71 -6.44 8.22 -28.43
N ASN A 72 -6.57 9.14 -27.48
CA ASN A 72 -5.58 10.19 -27.29
C ASN A 72 -4.95 10.22 -25.90
N GLY A 73 -5.54 9.54 -24.92
CA GLY A 73 -5.02 9.52 -23.57
C GLY A 73 -5.59 10.57 -22.64
N SER A 74 -6.56 11.36 -23.08
CA SER A 74 -7.19 12.33 -22.20
C SER A 74 -8.09 11.61 -21.18
N VAL A 75 -8.38 12.31 -20.08
CA VAL A 75 -9.04 11.69 -18.94
C VAL A 75 -10.36 12.41 -18.67
N PHE A 76 -11.22 11.72 -17.90
CA PHE A 76 -12.48 12.30 -17.46
C PHE A 76 -12.21 13.50 -16.55
N THR A 77 -12.77 14.65 -16.92
CA THR A 77 -12.60 15.87 -16.14
C THR A 77 -13.97 16.39 -15.76
N GLY A 78 -14.21 16.51 -14.45
CA GLY A 78 -15.49 16.99 -13.95
C GLY A 78 -15.59 18.50 -13.94
N GLU A 79 -16.44 19.05 -14.81
CA GLU A 79 -16.58 20.50 -14.89
C GLU A 79 -17.86 20.97 -14.21
N ALA A 80 -18.41 22.09 -14.66
CA ALA A 80 -19.55 22.72 -14.01
C ALA A 80 -20.76 21.79 -13.96
N THR A 81 -21.33 21.47 -15.13
CA THR A 81 -22.55 20.68 -15.19
C THR A 81 -22.40 19.35 -15.92
N SER A 82 -21.34 19.17 -16.71
CA SER A 82 -21.12 17.93 -17.43
C SER A 82 -19.64 17.55 -17.33
N VAL A 83 -19.34 16.32 -17.74
CA VAL A 83 -17.99 15.77 -17.70
C VAL A 83 -17.35 15.98 -19.07
N VAL A 84 -16.12 16.49 -19.07
CA VAL A 84 -15.38 16.71 -20.30
C VAL A 84 -14.14 15.81 -20.28
N SER A 85 -13.46 15.77 -21.43
CA SER A 85 -12.25 14.97 -21.60
C SER A 85 -11.07 15.93 -21.80
N ASP A 86 -10.22 16.04 -20.79
CA ASP A 86 -9.09 16.95 -20.83
C ASP A 86 -7.80 16.20 -20.53
N ILE A 87 -6.68 16.87 -20.78
CA ILE A 87 -5.37 16.29 -20.49
C ILE A 87 -5.20 16.14 -18.98
N TYR A 88 -4.53 15.07 -18.58
CA TYR A 88 -4.36 14.80 -17.15
C TYR A 88 -3.29 15.71 -16.55
N THR A 89 -3.66 16.44 -15.50
CA THR A 89 -2.74 17.32 -14.81
C THR A 89 -2.70 17.06 -13.30
N GLY A 90 -3.40 16.05 -12.80
CA GLY A 90 -3.49 15.82 -11.38
C GLY A 90 -4.58 16.59 -10.67
N SER A 91 -5.45 17.24 -11.42
CA SER A 91 -6.55 17.99 -10.83
C SER A 91 -7.48 17.05 -10.04
N PRO A 92 -8.04 17.54 -8.94
CA PRO A 92 -9.03 16.72 -8.19
C PRO A 92 -10.27 16.43 -9.01
N LEU A 93 -10.59 17.24 -10.01
CA LEU A 93 -11.72 17.00 -10.90
C LEU A 93 -11.50 15.82 -11.84
N GLN A 94 -10.35 15.16 -11.75
CA GLN A 94 -10.01 14.05 -12.63
C GLN A 94 -9.88 12.73 -11.88
N PHE A 95 -10.34 12.68 -10.63
CA PHE A 95 -10.34 11.46 -9.83
C PHE A 95 -11.77 11.04 -9.56
N PHE A 96 -12.11 9.80 -9.92
CA PHE A 96 -13.46 9.27 -9.76
C PHE A 96 -13.40 7.98 -8.94
N ARG A 97 -14.56 7.59 -8.41
CA ARG A 97 -14.67 6.39 -7.59
C ARG A 97 -15.73 5.47 -8.19
N GLU A 98 -15.38 4.20 -8.36
CA GLU A 98 -16.31 3.18 -8.82
C GLU A 98 -16.94 2.51 -7.61
N VAL A 99 -18.24 2.67 -7.45
CA VAL A 99 -18.99 2.05 -6.37
C VAL A 99 -19.83 0.92 -6.97
N LYS A 100 -19.46 -0.33 -6.66
CA LYS A 100 -20.18 -1.48 -7.17
C LYS A 100 -21.46 -1.67 -6.38
N ARG A 101 -22.60 -1.33 -6.99
CA ARG A 101 -23.87 -1.61 -6.36
C ARG A 101 -24.17 -3.10 -6.36
N THR A 102 -23.89 -3.78 -7.49
CA THR A 102 -24.00 -5.23 -7.55
C THR A 102 -22.74 -5.82 -8.16
N MET A 103 -22.79 -7.11 -8.50
CA MET A 103 -21.62 -7.77 -9.06
C MET A 103 -21.25 -7.24 -10.44
N ALA A 104 -22.24 -6.76 -11.20
CA ALA A 104 -22.00 -6.35 -12.58
C ALA A 104 -22.43 -4.91 -12.88
N THR A 105 -23.04 -4.21 -11.93
CA THR A 105 -23.45 -2.83 -12.12
C THR A 105 -22.73 -1.93 -11.13
N TYR A 106 -22.40 -0.73 -11.59
CA TYR A 106 -21.68 0.24 -10.76
C TYR A 106 -21.96 1.64 -11.27
N TYR A 107 -21.68 2.63 -10.42
CA TYR A 107 -21.79 4.03 -10.80
C TYR A 107 -20.47 4.74 -10.48
N LEU A 108 -20.24 5.84 -11.17
CA LEU A 108 -19.03 6.65 -10.99
C LEU A 108 -19.38 7.90 -10.20
N ALA A 109 -18.64 8.15 -9.12
CA ALA A 109 -18.91 9.25 -8.22
C ALA A 109 -17.74 10.23 -8.24
N ILE A 110 -18.07 11.53 -8.29
CA ILE A 110 -17.09 12.60 -8.23
C ILE A 110 -17.31 13.36 -6.93
N GLN A 111 -16.21 13.63 -6.22
CA GLN A 111 -16.26 14.33 -4.95
C GLN A 111 -15.84 15.78 -5.16
N ASN A 112 -16.71 16.70 -4.78
CA ASN A 112 -16.41 18.13 -4.90
C ASN A 112 -15.19 18.47 -4.03
N PRO A 113 -14.14 19.07 -4.60
CA PRO A 113 -12.98 19.43 -3.77
C PRO A 113 -13.34 20.32 -2.61
N GLU A 114 -14.35 21.16 -2.76
CA GLU A 114 -14.92 21.94 -1.66
C GLU A 114 -16.14 21.20 -1.13
N SER A 115 -16.23 21.07 0.20
CA SER A 115 -17.27 20.28 0.86
C SER A 115 -17.19 18.81 0.45
N ALA A 116 -16.49 18.01 1.24
CA ALA A 116 -16.31 16.59 0.93
C ALA A 116 -17.58 15.77 1.10
N THR A 117 -18.63 16.35 1.71
CA THR A 117 -19.90 15.65 1.85
C THR A 117 -20.77 15.75 0.60
N ASP A 118 -20.29 16.40 -0.45
CA ASP A 118 -21.05 16.59 -1.69
C ASP A 118 -20.49 15.61 -2.72
N VAL A 119 -21.10 14.43 -2.80
CA VAL A 119 -20.72 13.39 -3.76
C VAL A 119 -21.84 13.28 -4.78
N ARG A 120 -21.47 13.30 -6.07
CA ARG A 120 -22.43 13.26 -7.17
C ARG A 120 -22.05 12.14 -8.12
N ALA A 121 -23.05 11.47 -8.67
CA ALA A 121 -22.83 10.37 -9.60
C ALA A 121 -23.07 10.83 -11.04
N LEU A 122 -22.35 10.21 -11.96
CA LEU A 122 -22.51 10.51 -13.37
C LEU A 122 -23.77 9.85 -13.92
N GLU A 123 -24.49 10.56 -14.78
CA GLU A 123 -25.79 10.10 -15.23
C GLU A 123 -26.14 10.80 -16.54
N PRO A 124 -26.72 10.08 -17.51
CA PRO A 124 -27.22 10.73 -18.71
C PRO A 124 -28.64 11.26 -18.49
N HIS A 125 -29.08 12.09 -19.43
CA HIS A 125 -30.43 12.63 -19.41
C HIS A 125 -31.32 12.04 -20.50
N SER A 126 -30.91 10.91 -21.07
CA SER A 126 -31.69 10.25 -22.11
C SER A 126 -31.18 8.82 -22.27
N HIS A 127 -32.10 7.90 -22.55
CA HIS A 127 -31.78 6.54 -22.91
C HIS A 127 -32.09 6.22 -24.36
N GLU A 128 -32.59 7.19 -25.13
CA GLU A 128 -32.97 7.01 -26.51
C GLU A 128 -32.18 7.87 -27.48
N LEU A 129 -31.44 8.85 -26.99
CA LEU A 129 -30.64 9.75 -27.81
C LEU A 129 -29.27 9.89 -27.19
N PRO A 130 -28.27 10.31 -27.97
CA PRO A 130 -26.96 10.63 -27.39
C PRO A 130 -27.10 11.75 -26.36
N SER A 131 -26.31 11.65 -25.29
CA SER A 131 -26.43 12.59 -24.18
C SER A 131 -25.07 12.78 -23.52
N ARG A 132 -24.88 13.95 -22.94
CA ARG A 132 -23.71 14.21 -22.11
C ARG A 132 -23.90 13.55 -20.75
N LEU A 133 -22.83 13.52 -19.97
CA LEU A 133 -22.85 12.93 -18.64
C LEU A 133 -23.01 14.05 -17.61
N TYR A 134 -24.12 14.04 -16.88
CA TYR A 134 -24.43 15.04 -15.88
C TYR A 134 -24.27 14.46 -14.48
N TYR A 135 -24.39 15.32 -13.48
CA TYR A 135 -24.28 14.93 -12.09
C TYR A 135 -25.66 14.82 -11.44
N THR A 136 -25.71 14.06 -10.35
CA THR A 136 -26.95 13.90 -9.60
C THR A 136 -26.62 13.48 -8.17
N ASN A 137 -27.44 13.95 -7.23
N ASN A 137 -27.44 13.95 -7.23
CA ASN A 137 -27.33 13.56 -5.84
CA ASN A 137 -27.33 13.57 -5.83
C ASN A 137 -28.32 12.47 -5.45
C ASN A 137 -28.25 12.40 -5.49
N ASN A 138 -29.11 11.97 -6.40
CA ASN A 138 -30.04 10.88 -6.15
C ASN A 138 -29.33 9.57 -6.44
N ILE A 139 -28.80 8.94 -5.39
CA ILE A 139 -27.96 7.76 -5.50
C ILE A 139 -28.68 6.49 -5.04
N GLU A 140 -29.39 6.57 -3.91
N GLU A 140 -29.38 6.58 -3.90
CA GLU A 140 -30.02 5.40 -3.32
CA GLU A 140 -30.02 5.40 -3.32
C GLU A 140 -31.18 4.94 -4.20
C GLU A 140 -31.17 4.94 -4.21
N ASN A 141 -31.11 3.68 -4.63
CA ASN A 141 -32.17 3.04 -5.43
C ASN A 141 -32.43 3.79 -6.73
N ASN A 142 -31.36 4.32 -7.33
CA ASN A 142 -31.43 5.03 -8.60
C ASN A 142 -30.62 4.25 -9.62
N SER A 143 -31.31 3.55 -10.52
CA SER A 143 -30.66 2.72 -11.52
C SER A 143 -30.26 3.49 -12.77
N ASN A 144 -30.53 4.79 -12.83
CA ASN A 144 -30.11 5.58 -13.98
C ASN A 144 -28.61 5.86 -13.98
N ILE A 145 -27.93 5.69 -12.83
CA ILE A 145 -26.50 5.92 -12.75
C ILE A 145 -25.70 4.63 -12.94
N LEU A 146 -26.36 3.49 -13.06
CA LEU A 146 -25.66 2.21 -13.12
C LEU A 146 -25.01 2.01 -14.49
N ILE A 147 -23.76 1.55 -14.46
CA ILE A 147 -22.97 1.33 -15.67
C ILE A 147 -22.62 -0.16 -15.74
N SER A 148 -22.57 -0.68 -16.96
CA SER A 148 -22.19 -2.06 -17.21
C SER A 148 -21.03 -2.11 -18.20
N ASN A 149 -20.09 -3.01 -17.96
CA ASN A 149 -18.94 -3.18 -18.85
C ASN A 149 -19.36 -4.04 -20.04
N LYS A 150 -19.57 -3.40 -21.18
CA LYS A 150 -19.97 -4.12 -22.38
C LYS A 150 -18.87 -5.04 -22.88
N GLU A 151 -17.61 -4.67 -22.66
CA GLU A 151 -16.48 -5.45 -23.13
C GLU A 151 -15.34 -5.31 -22.14
N GLN A 152 -14.51 -6.34 -22.06
CA GLN A 152 -13.37 -6.35 -21.15
C GLN A 152 -12.22 -7.07 -21.84
N ILE A 153 -11.17 -6.34 -22.20
CA ILE A 153 -10.00 -6.88 -22.86
C ILE A 153 -8.82 -6.74 -21.91
N TYR A 154 -8.22 -7.88 -21.55
CA TYR A 154 -7.16 -7.90 -20.54
C TYR A 154 -5.84 -7.44 -21.14
N LEU A 155 -5.02 -6.82 -20.30
CA LEU A 155 -3.75 -6.24 -20.70
C LEU A 155 -2.60 -7.21 -20.43
N THR A 156 -1.55 -7.10 -21.24
CA THR A 156 -0.33 -7.87 -21.05
C THR A 156 0.70 -6.93 -20.41
N LEU A 157 0.70 -6.90 -19.09
CA LEU A 157 1.61 -6.02 -18.37
C LEU A 157 3.05 -6.49 -18.54
N PRO A 158 4.01 -5.57 -18.52
CA PRO A 158 5.42 -5.98 -18.65
C PRO A 158 5.87 -6.78 -17.44
N SER A 159 6.84 -7.66 -17.68
CA SER A 159 7.42 -8.44 -16.60
C SER A 159 8.30 -7.56 -15.72
N LEU A 160 8.23 -7.79 -14.43
CA LEU A 160 9.07 -7.06 -13.49
C LEU A 160 10.16 -7.97 -12.95
N PRO A 161 11.39 -7.48 -12.85
CA PRO A 161 12.48 -8.33 -12.35
C PRO A 161 12.31 -8.65 -10.88
N GLU A 162 12.91 -9.76 -10.47
N GLU A 162 12.90 -9.77 -10.47
CA GLU A 162 12.82 -10.21 -9.09
CA GLU A 162 12.84 -10.20 -9.08
C GLU A 162 13.71 -9.36 -8.18
C GLU A 162 13.67 -9.27 -8.20
N ASN A 163 13.23 -9.12 -6.95
CA ASN A 163 14.01 -8.34 -5.99
C ASN A 163 15.16 -9.18 -5.46
N GLU A 164 16.34 -8.58 -5.43
CA GLU A 164 17.55 -9.23 -4.95
C GLU A 164 17.93 -8.66 -3.59
N GLN A 165 18.75 -9.42 -2.86
CA GLN A 165 19.18 -8.96 -1.54
C GLN A 165 20.18 -7.82 -1.67
N TYR A 166 20.38 -7.11 -0.55
CA TYR A 166 21.18 -5.90 -0.56
C TYR A 166 22.63 -6.22 -0.92
N PRO A 167 23.30 -5.31 -1.63
CA PRO A 167 24.66 -5.61 -2.10
C PRO A 167 25.68 -5.54 -0.97
N LYS A 168 26.63 -6.46 -1.01
N LYS A 168 26.64 -6.46 -1.01
CA LYS A 168 27.69 -6.50 -0.03
CA LYS A 168 27.70 -6.51 -0.01
C LYS A 168 28.91 -5.73 -0.52
C LYS A 168 28.95 -5.81 -0.52
N THR A 169 29.80 -5.41 0.41
CA THR A 169 31.01 -4.67 0.08
C THR A 169 31.94 -5.54 -0.75
N PRO A 170 32.53 -4.99 -1.82
CA PRO A 170 33.51 -5.77 -2.59
C PRO A 170 34.71 -6.15 -1.74
N VAL A 171 35.36 -7.24 -2.12
CA VAL A 171 36.52 -7.76 -1.41
C VAL A 171 37.76 -7.54 -2.26
N LEU A 172 38.86 -7.17 -1.59
CA LEU A 172 40.13 -6.92 -2.26
C LEU A 172 40.96 -8.19 -2.26
N SER A 173 41.61 -8.45 -3.40
CA SER A 173 42.42 -9.66 -3.56
C SER A 173 43.89 -9.44 -3.24
N GLY A 174 44.31 -8.21 -2.99
CA GLY A 174 45.70 -7.95 -2.67
C GLY A 174 45.90 -6.51 -2.27
N ILE A 175 47.15 -6.19 -1.92
CA ILE A 175 47.47 -4.82 -1.52
C ILE A 175 47.50 -3.88 -2.72
N ASP A 176 47.64 -4.40 -3.93
CA ASP A 176 47.63 -3.59 -5.14
C ASP A 176 46.28 -3.59 -5.83
N ASP A 177 45.28 -4.24 -5.26
CA ASP A 177 43.94 -4.30 -5.84
C ASP A 177 43.14 -3.11 -5.36
N ILE A 178 42.76 -2.22 -6.29
CA ILE A 178 41.92 -1.08 -5.93
C ILE A 178 40.45 -1.44 -5.81
N GLY A 179 40.07 -2.64 -6.22
CA GLY A 179 38.68 -3.07 -6.16
C GLY A 179 37.86 -2.52 -7.32
N PRO A 180 36.70 -3.11 -7.54
CA PRO A 180 35.85 -2.66 -8.65
C PRO A 180 35.28 -1.27 -8.39
N ASN A 181 35.02 -0.56 -9.48
CA ASN A 181 34.43 0.77 -9.36
C ASN A 181 33.04 0.70 -8.75
N GLN A 182 32.26 -0.31 -9.14
CA GLN A 182 30.91 -0.49 -8.62
C GLN A 182 30.68 -1.96 -8.31
N SER A 183 29.92 -2.23 -7.25
CA SER A 183 29.49 -3.58 -6.95
C SER A 183 28.33 -3.95 -7.86
N GLU A 184 27.71 -5.10 -7.59
N GLU A 184 27.69 -5.09 -7.59
CA GLU A 184 26.55 -5.52 -8.36
CA GLU A 184 26.55 -5.52 -8.38
C GLU A 184 25.34 -4.66 -7.99
C GLU A 184 25.32 -4.71 -7.99
N LYS A 185 24.61 -4.20 -8.99
CA LYS A 185 23.42 -3.39 -8.75
C LYS A 185 22.27 -4.30 -8.32
N SER A 186 21.94 -4.26 -7.03
CA SER A 186 20.89 -5.12 -6.49
C SER A 186 19.53 -4.50 -6.73
N ILE A 187 18.58 -5.30 -7.19
CA ILE A 187 17.23 -4.83 -7.46
C ILE A 187 16.44 -4.81 -6.16
N ILE A 188 15.94 -3.64 -5.79
CA ILE A 188 15.22 -3.46 -4.53
C ILE A 188 13.71 -3.51 -4.73
N GLY A 189 13.22 -2.94 -5.82
CA GLY A 189 11.80 -2.97 -6.09
C GLY A 189 11.50 -2.35 -7.45
N SER A 190 10.26 -2.55 -7.89
CA SER A 190 9.75 -1.99 -9.13
C SER A 190 8.28 -1.66 -8.95
N THR A 191 7.84 -0.57 -9.56
CA THR A 191 6.46 -0.11 -9.45
C THR A 191 5.93 0.25 -10.83
N LEU A 192 4.64 0.01 -11.04
CA LEU A 192 3.98 0.36 -12.30
C LEU A 192 3.44 1.77 -12.24
N ILE A 193 3.76 2.58 -13.24
CA ILE A 193 3.30 3.95 -13.25
C ILE A 193 2.54 4.20 -14.55
N PRO A 194 1.36 4.81 -14.48
CA PRO A 194 0.56 5.04 -15.69
C PRO A 194 1.29 5.94 -16.68
N CYS A 195 1.05 5.66 -17.97
CA CYS A 195 1.77 6.37 -19.02
C CYS A 195 1.44 7.85 -19.08
N ILE A 196 0.32 8.27 -18.48
CA ILE A 196 -0.07 9.68 -18.49
C ILE A 196 0.64 10.50 -17.43
N MET A 197 1.48 9.88 -16.59
CA MET A 197 2.18 10.59 -15.54
C MET A 197 3.65 10.80 -15.85
N VAL A 198 4.15 10.29 -16.98
CA VAL A 198 5.54 10.44 -17.35
C VAL A 198 5.62 11.29 -18.62
N SER A 199 6.85 11.69 -18.97
CA SER A 199 7.12 12.43 -20.19
C SER A 199 8.02 11.60 -21.09
N ASP A 200 7.69 11.58 -22.38
CA ASP A 200 8.39 10.74 -23.34
C ASP A 200 8.11 11.28 -24.73
N PHE A 201 9.00 10.95 -25.67
CA PHE A 201 8.81 11.42 -27.04
C PHE A 201 7.69 10.69 -27.77
N ILE A 202 7.12 9.64 -27.17
CA ILE A 202 5.99 8.95 -27.76
C ILE A 202 4.71 9.67 -27.38
N SER A 203 3.81 9.86 -28.35
CA SER A 203 2.54 10.53 -28.09
C SER A 203 1.70 9.71 -27.12
N LEU A 204 0.86 10.42 -26.35
CA LEU A 204 0.02 9.75 -25.36
C LEU A 204 -0.93 8.75 -26.02
N GLY A 205 -1.47 9.10 -27.18
CA GLY A 205 -2.34 8.17 -27.88
C GLY A 205 -1.66 6.86 -28.22
N GLU A 206 -0.40 6.93 -28.62
CA GLU A 206 0.36 5.71 -28.91
C GLU A 206 0.79 5.00 -27.62
N ARG A 207 1.00 5.74 -26.54
CA ARG A 207 1.33 5.10 -25.26
C ARG A 207 0.17 4.23 -24.79
N MET A 208 -1.06 4.75 -24.86
CA MET A 208 -2.22 3.99 -24.43
C MET A 208 -2.41 2.70 -25.22
N LYS A 209 -1.83 2.62 -26.42
CA LYS A 209 -2.00 1.43 -27.25
C LYS A 209 -0.88 0.41 -27.07
N THR A 210 0.38 0.85 -26.98
CA THR A 210 1.51 -0.08 -26.96
C THR A 210 2.15 -0.24 -25.60
N THR A 211 1.99 0.74 -24.70
CA THR A 211 2.62 0.68 -23.38
C THR A 211 1.82 1.55 -22.41
N PRO A 212 0.59 1.15 -22.08
CA PRO A 212 -0.23 1.97 -21.17
C PRO A 212 0.37 2.09 -19.77
N TYR A 213 1.28 1.20 -19.40
CA TYR A 213 1.97 1.27 -18.11
C TYR A 213 3.47 1.32 -18.35
N TYR A 214 4.12 2.33 -17.77
CA TYR A 214 5.56 2.32 -17.62
C TYR A 214 5.91 1.68 -16.28
N TYR A 215 7.20 1.56 -15.98
CA TYR A 215 7.59 1.08 -14.66
C TYR A 215 8.96 1.63 -14.30
N VAL A 216 9.11 1.97 -13.02
CA VAL A 216 10.36 2.49 -12.47
C VAL A 216 11.05 1.37 -11.72
N LYS A 217 12.35 1.20 -11.97
CA LYS A 217 13.17 0.22 -11.28
C LYS A 217 14.05 0.91 -10.26
N HIS A 218 14.13 0.34 -9.05
CA HIS A 218 14.95 0.87 -7.98
C HIS A 218 16.07 -0.10 -7.68
N THR A 219 17.31 0.34 -7.85
CA THR A 219 18.47 -0.48 -7.55
C THR A 219 19.37 0.22 -6.53
N GLN A 220 20.24 -0.58 -5.91
CA GLN A 220 21.24 -0.08 -4.99
C GLN A 220 22.55 -0.80 -5.26
N TYR A 221 23.66 -0.08 -5.06
CA TYR A 221 24.99 -0.65 -5.26
C TYR A 221 25.99 0.20 -4.52
N TRP A 222 27.22 -0.30 -4.45
CA TRP A 222 28.32 0.41 -3.82
C TRP A 222 29.13 1.14 -4.88
N GLN A 223 29.36 2.43 -4.67
CA GLN A 223 30.10 3.28 -5.59
C GLN A 223 31.46 3.62 -4.99
N SER A 224 32.52 3.38 -5.76
CA SER A 224 33.87 3.64 -5.28
C SER A 224 34.17 5.13 -5.26
N MET A 225 34.86 5.56 -4.21
N MET A 225 34.89 5.57 -4.23
CA MET A 225 35.29 6.94 -4.04
CA MET A 225 35.28 6.96 -4.08
C MET A 225 36.79 7.10 -4.20
C MET A 225 36.78 7.19 -4.09
N TRP A 226 37.56 6.35 -3.41
CA TRP A 226 39.01 6.50 -3.38
C TRP A 226 39.63 5.17 -3.00
N SER A 227 40.92 5.03 -3.34
CA SER A 227 41.69 3.84 -2.98
C SER A 227 43.14 4.24 -2.82
N ALA A 228 43.76 3.81 -1.73
CA ALA A 228 45.15 4.13 -1.48
C ALA A 228 45.77 3.05 -0.60
N LEU A 229 47.08 2.92 -0.70
CA LEU A 229 47.87 2.07 0.20
C LEU A 229 48.40 2.95 1.31
N PHE A 230 47.79 2.84 2.48
CA PHE A 230 48.14 3.70 3.61
C PHE A 230 49.40 3.20 4.28
N PRO A 231 50.45 4.02 4.40
CA PRO A 231 51.61 3.64 5.21
C PRO A 231 51.22 3.46 6.66
N PRO A 232 52.00 2.73 7.44
CA PRO A 232 51.65 2.53 8.86
C PRO A 232 51.71 3.84 9.63
N GLY A 233 50.64 4.11 10.39
CA GLY A 233 50.58 5.31 11.19
C GLY A 233 50.31 6.59 10.45
N SER A 234 50.01 6.52 9.16
CA SER A 234 49.83 7.71 8.34
C SER A 234 48.37 8.13 8.30
N LYS A 235 48.15 9.44 8.16
CA LYS A 235 46.83 10.02 8.05
C LYS A 235 46.71 10.71 6.70
N GLU A 236 45.65 10.40 5.96
CA GLU A 236 45.40 11.00 4.66
C GLU A 236 44.00 11.58 4.62
N THR A 237 43.82 12.57 3.75
CA THR A 237 42.53 13.21 3.53
C THR A 237 42.00 12.83 2.17
N LYS A 238 40.78 12.29 2.14
CA LYS A 238 40.17 11.80 0.90
C LYS A 238 38.86 12.55 0.66
N THR A 239 38.53 12.72 -0.62
CA THR A 239 37.33 13.44 -1.04
C THR A 239 36.19 12.47 -1.26
N GLU A 240 35.02 12.79 -0.69
CA GLU A 240 33.84 11.96 -0.81
C GLU A 240 32.65 12.83 -1.21
N LYS A 241 31.89 12.36 -2.21
CA LYS A 241 30.72 13.08 -2.70
C LYS A 241 29.44 12.50 -2.11
N SER A 242 28.43 13.36 -1.97
CA SER A 242 27.14 12.95 -1.43
C SER A 242 26.04 13.74 -2.11
N GLY A 243 24.84 13.17 -2.09
CA GLY A 243 23.67 13.85 -2.63
C GLY A 243 23.36 13.54 -4.07
N ILE A 244 22.71 14.47 -4.76
CA ILE A 244 22.32 14.30 -6.15
C ILE A 244 22.61 15.60 -6.90
N THR A 245 23.08 15.47 -8.14
CA THR A 245 23.39 16.64 -8.94
C THR A 245 22.11 17.37 -9.33
N ASP A 246 22.25 18.67 -9.59
CA ASP A 246 21.09 19.46 -10.00
C ASP A 246 20.53 18.98 -11.32
N THR A 247 21.38 18.49 -12.23
CA THR A 247 20.89 17.99 -13.51
C THR A 247 20.07 16.71 -13.31
N SER A 248 20.53 15.79 -12.46
CA SER A 248 19.77 14.57 -12.20
C SER A 248 18.47 14.89 -11.48
N GLN A 249 18.50 15.86 -10.56
CA GLN A 249 17.29 16.22 -9.82
C GLN A 249 16.21 16.74 -10.76
N ILE A 250 16.60 17.54 -11.76
CA ILE A 250 15.62 18.11 -12.69
C ILE A 250 15.14 17.06 -13.67
N SER A 251 16.03 16.18 -14.13
CA SER A 251 15.64 15.14 -15.07
C SER A 251 14.61 14.19 -14.46
N MET A 252 14.86 13.76 -13.22
CA MET A 252 13.89 12.90 -12.54
C MET A 252 12.58 13.62 -12.30
N THR A 253 12.65 14.92 -12.00
CA THR A 253 11.44 15.70 -11.72
C THR A 253 10.60 15.86 -12.99
N ASP A 254 11.25 16.11 -14.14
CA ASP A 254 10.52 16.22 -15.38
C ASP A 254 10.11 14.87 -15.94
N GLY A 255 10.81 13.79 -15.57
CA GLY A 255 10.55 12.48 -16.10
C GLY A 255 9.35 11.78 -15.49
N ILE A 256 9.35 11.62 -14.16
CA ILE A 256 8.30 10.92 -13.46
C ILE A 256 7.64 11.80 -12.40
N ASN A 257 7.93 13.09 -12.39
CA ASN A 257 7.32 14.05 -11.46
C ASN A 257 7.61 13.67 -10.00
N VAL A 258 8.83 13.20 -9.74
CA VAL A 258 9.28 12.84 -8.41
C VAL A 258 10.62 13.52 -8.16
N SER A 259 10.82 14.00 -6.92
CA SER A 259 12.07 14.61 -6.51
C SER A 259 12.56 13.98 -5.22
N ILE A 260 13.84 14.16 -4.94
CA ILE A 260 14.47 13.61 -3.74
C ILE A 260 14.70 14.75 -2.75
N GLY A 261 14.11 14.62 -1.55
CA GLY A 261 14.29 15.62 -0.53
C GLY A 261 15.62 15.50 0.19
N ALA A 262 15.89 16.47 1.06
CA ALA A 262 17.15 16.50 1.78
C ALA A 262 17.29 15.31 2.73
N ASP A 263 16.17 14.77 3.22
CA ASP A 263 16.16 13.61 4.09
C ASP A 263 16.18 12.30 3.33
N PHE A 264 16.54 12.34 2.05
CA PHE A 264 16.57 11.19 1.14
C PHE A 264 15.21 10.55 0.94
N GLY A 265 14.13 11.23 1.34
CA GLY A 265 12.80 10.78 1.01
C GLY A 265 12.33 11.35 -0.32
N LEU A 266 11.28 10.75 -0.87
CA LEU A 266 10.78 11.14 -2.18
C LEU A 266 9.66 12.16 -2.06
N ARG A 267 9.64 13.10 -2.99
CA ARG A 267 8.60 14.12 -3.08
C ARG A 267 7.87 13.99 -4.41
N PHE A 268 6.55 13.95 -4.36
CA PHE A 268 5.71 13.74 -5.53
C PHE A 268 4.98 15.01 -5.91
N GLY A 269 4.94 15.30 -7.21
CA GLY A 269 4.28 16.49 -7.74
C GLY A 269 2.78 16.31 -7.81
N ASN A 270 2.14 17.10 -8.69
CA ASN A 270 0.69 17.06 -8.76
C ASN A 270 0.17 15.83 -9.48
N LYS A 271 0.99 15.25 -10.35
CA LYS A 271 0.57 14.12 -11.20
C LYS A 271 0.66 12.77 -10.49
N THR A 272 1.67 12.57 -9.63
CA THR A 272 1.91 11.29 -9.00
C THR A 272 1.58 11.30 -7.51
N PHE A 273 0.98 12.38 -7.01
CA PHE A 273 0.66 12.47 -5.59
C PHE A 273 -0.30 11.37 -5.15
N GLY A 274 -1.22 10.97 -6.02
CA GLY A 274 -2.21 9.96 -5.72
C GLY A 274 -1.72 8.53 -5.73
N ILE A 275 -0.46 8.28 -6.11
CA ILE A 275 0.09 6.93 -6.14
C ILE A 275 1.37 6.83 -5.30
N LYS A 276 1.59 7.79 -4.40
CA LYS A 276 2.83 7.78 -3.62
C LYS A 276 2.88 6.59 -2.66
N GLY A 277 1.72 6.11 -2.20
CA GLY A 277 1.72 4.96 -1.32
C GLY A 277 2.20 3.70 -2.00
N GLY A 278 1.64 3.40 -3.18
CA GLY A 278 2.07 2.23 -3.92
C GLY A 278 3.45 2.38 -4.52
N PHE A 279 3.82 3.60 -4.91
CA PHE A 279 5.15 3.84 -5.45
C PHE A 279 6.23 3.53 -4.43
N THR A 280 6.09 4.09 -3.21
CA THR A 280 7.09 3.88 -2.19
C THR A 280 7.10 2.45 -1.69
N TYR A 281 5.92 1.84 -1.54
CA TYR A 281 5.86 0.46 -1.06
C TYR A 281 6.54 -0.49 -2.03
N ASP A 282 6.29 -0.31 -3.33
CA ASP A 282 6.87 -1.22 -4.32
C ASP A 282 8.39 -1.06 -4.41
N THR A 283 8.88 0.18 -4.35
CA THR A 283 10.31 0.45 -4.46
C THR A 283 11.01 0.47 -3.11
N LYS A 284 10.29 0.26 -2.01
CA LYS A 284 10.86 0.24 -0.67
C LYS A 284 11.55 1.57 -0.34
N THR A 285 10.87 2.66 -0.63
CA THR A 285 11.32 4.02 -0.32
C THR A 285 10.33 4.66 0.66
N GLN A 286 10.65 5.88 1.07
CA GLN A 286 9.84 6.62 2.02
C GLN A 286 9.54 8.01 1.47
N ILE A 287 8.42 8.56 1.91
CA ILE A 287 8.03 9.91 1.52
C ILE A 287 8.78 10.90 2.40
N THR A 288 9.27 11.98 1.79
CA THR A 288 10.05 12.96 2.52
C THR A 288 9.19 13.69 3.56
N ASN A 289 9.83 14.17 4.61
CA ASN A 289 9.18 14.96 5.64
C ASN A 289 9.67 16.40 5.68
N THR A 290 10.57 16.78 4.77
CA THR A 290 11.11 18.12 4.72
C THR A 290 10.81 18.75 3.36
N SER A 291 10.74 20.08 3.35
CA SER A 291 10.51 20.83 2.11
C SER A 291 11.80 21.17 1.39
N GLN A 292 12.95 20.80 1.94
CA GLN A 292 14.24 21.04 1.30
C GLN A 292 14.57 19.91 0.34
N LEU A 293 15.23 20.26 -0.75
CA LEU A 293 15.63 19.28 -1.76
C LEU A 293 17.06 18.82 -1.50
N LEU A 294 17.36 17.61 -1.98
CA LEU A 294 18.71 17.07 -1.89
C LEU A 294 19.61 17.75 -2.92
N ILE A 295 20.80 18.15 -2.50
CA ILE A 295 21.75 18.82 -3.36
C ILE A 295 23.07 18.07 -3.33
N GLU A 296 23.98 18.47 -4.20
CA GLU A 296 25.29 17.85 -4.31
C GLU A 296 26.25 18.52 -3.32
N THR A 297 26.92 17.70 -2.51
CA THR A 297 27.84 18.18 -1.49
C THR A 297 29.12 17.37 -1.54
N THR A 298 30.25 18.05 -1.35
CA THR A 298 31.58 17.43 -1.40
C THR A 298 32.21 17.50 -0.02
N TYR A 299 32.53 16.34 0.54
CA TYR A 299 33.17 16.23 1.84
C TYR A 299 34.62 15.81 1.70
N THR A 300 35.44 16.18 2.67
CA THR A 300 36.79 15.67 2.83
C THR A 300 36.92 15.09 4.22
N ARG A 301 37.36 13.84 4.32
CA ARG A 301 37.46 13.14 5.60
C ARG A 301 38.89 12.69 5.83
N GLU A 302 39.31 12.73 7.09
CA GLU A 302 40.64 12.28 7.48
C GLU A 302 40.56 10.82 7.90
N TYR A 303 41.36 9.98 7.25
CA TYR A 303 41.44 8.55 7.58
C TYR A 303 42.88 8.24 8.00
N THR A 304 43.02 7.60 9.15
CA THR A 304 44.33 7.25 9.70
C THR A 304 44.45 5.73 9.78
N ASN A 305 45.55 5.20 9.26
CA ASN A 305 45.86 3.78 9.41
C ASN A 305 46.58 3.59 10.74
N THR A 306 45.91 2.97 11.70
CA THR A 306 46.46 2.76 13.03
C THR A 306 47.19 1.43 13.18
N GLU A 307 47.62 0.83 12.07
CA GLU A 307 48.26 -0.48 12.07
C GLU A 307 49.77 -0.34 12.00
N ASN A 308 50.45 -1.42 12.42
CA ASN A 308 51.90 -1.50 12.39
C ASN A 308 52.45 -1.72 10.98
N PHE A 309 51.61 -2.08 10.03
CA PHE A 309 52.00 -2.43 8.68
C PHE A 309 51.16 -1.65 7.68
N PRO A 310 51.63 -1.52 6.44
CA PRO A 310 50.83 -0.83 5.42
C PRO A 310 49.56 -1.59 5.10
N VAL A 311 48.48 -0.85 4.87
CA VAL A 311 47.17 -1.42 4.59
C VAL A 311 46.57 -0.72 3.37
N ARG A 312 45.99 -1.51 2.48
CA ARG A 312 45.25 -0.99 1.34
C ARG A 312 43.80 -0.76 1.72
N TYR A 313 43.30 0.45 1.47
CA TYR A 313 41.93 0.80 1.77
C TYR A 313 41.23 1.32 0.51
N THR A 314 39.94 1.03 0.40
CA THR A 314 39.10 1.54 -0.67
C THR A 314 37.75 1.92 -0.08
N GLY A 315 37.33 3.16 -0.28
CA GLY A 315 36.07 3.64 0.26
C GLY A 315 34.94 3.53 -0.74
N TYR A 316 33.76 3.12 -0.24
CA TYR A 316 32.57 2.97 -1.06
C TYR A 316 31.41 3.70 -0.42
N VAL A 317 30.56 4.31 -1.24
N VAL A 317 30.55 4.30 -1.24
CA VAL A 317 29.35 5.00 -0.78
CA VAL A 317 29.35 4.98 -0.79
C VAL A 317 28.14 4.29 -1.37
C VAL A 317 28.15 4.25 -1.36
N LEU A 318 27.08 4.19 -0.55
CA LEU A 318 25.85 3.55 -1.01
C LEU A 318 25.16 4.43 -2.05
N ALA A 319 24.83 3.84 -3.19
CA ALA A 319 24.18 4.54 -4.30
C ALA A 319 22.77 4.01 -4.50
N SER A 320 21.83 4.91 -4.73
CA SER A 320 20.44 4.57 -4.98
C SER A 320 20.05 5.10 -6.35
N GLU A 321 19.58 4.22 -7.23
CA GLU A 321 19.33 4.56 -8.62
C GLU A 321 17.89 4.23 -9.01
N PHE A 322 17.29 5.10 -9.82
CA PHE A 322 15.97 4.89 -10.39
C PHE A 322 16.05 5.02 -11.89
N THR A 323 15.44 4.07 -12.61
CA THR A 323 15.38 4.11 -14.06
C THR A 323 13.94 3.94 -14.51
N LEU A 324 13.57 4.67 -15.56
CA LEU A 324 12.23 4.60 -16.14
C LEU A 324 12.28 3.69 -17.37
N HIS A 325 11.34 2.75 -17.45
CA HIS A 325 11.30 1.78 -18.52
C HIS A 325 9.92 1.75 -19.16
N ARG A 326 9.90 1.44 -20.46
CA ARG A 326 8.66 1.20 -21.18
C ARG A 326 8.27 -0.27 -21.07
N SER A 327 7.10 -0.60 -21.59
CA SER A 327 6.60 -1.98 -21.50
C SER A 327 7.46 -2.96 -22.28
N ASP A 328 8.25 -2.48 -23.25
CA ASP A 328 9.17 -3.34 -23.98
C ASP A 328 10.54 -3.45 -23.31
N GLY A 329 10.72 -2.83 -22.15
CA GLY A 329 11.95 -2.92 -21.41
C GLY A 329 12.94 -1.80 -21.65
N THR A 330 12.73 -0.98 -22.68
CA THR A 330 13.69 0.07 -23.01
C THR A 330 13.73 1.13 -21.91
N GLN A 331 14.94 1.61 -21.62
CA GLN A 331 15.11 2.65 -20.62
C GLN A 331 14.82 4.01 -21.24
N VAL A 332 14.07 4.83 -20.52
CA VAL A 332 13.63 6.13 -21.04
C VAL A 332 14.65 7.22 -20.76
N ASN A 333 15.05 7.37 -19.49
CA ASN A 333 15.90 8.48 -19.10
C ASN A 333 17.33 8.27 -19.60
N THR A 334 17.88 9.29 -20.26
CA THR A 334 19.27 9.29 -20.69
C THR A 334 20.20 9.95 -19.67
N ILE A 335 19.65 10.56 -18.64
CA ILE A 335 20.43 11.16 -17.55
C ILE A 335 20.25 10.28 -16.32
N PRO A 336 21.33 9.86 -15.65
CA PRO A 336 21.18 8.95 -14.50
C PRO A 336 20.46 9.62 -13.35
N TRP A 337 19.57 8.86 -12.72
CA TRP A 337 18.85 9.30 -11.52
C TRP A 337 19.46 8.58 -10.33
N VAL A 338 20.60 9.07 -9.87
CA VAL A 338 21.40 8.42 -8.83
C VAL A 338 21.53 9.37 -7.65
N ALA A 339 21.45 8.82 -6.45
CA ALA A 339 21.61 9.58 -5.21
C ALA A 339 22.62 8.88 -4.33
N LEU A 340 23.67 9.60 -3.93
CA LEU A 340 24.72 9.08 -3.07
C LEU A 340 24.48 9.55 -1.64
N ASN A 341 24.63 8.63 -0.69
CA ASN A 341 24.42 8.92 0.73
C ASN A 341 25.74 8.67 1.46
N ASP A 342 26.43 9.75 1.82
CA ASP A 342 27.72 9.62 2.49
C ASP A 342 27.60 9.09 3.91
N ASN A 343 26.39 9.05 4.47
CA ASN A 343 26.19 8.48 5.79
C ASN A 343 26.19 6.96 5.78
N TYR A 344 26.32 6.33 4.61
CA TYR A 344 26.41 4.87 4.49
C TYR A 344 27.66 4.56 3.68
N THR A 345 28.75 4.24 4.36
CA THR A 345 30.01 3.94 3.70
C THR A 345 30.57 2.63 4.22
N THR A 346 31.32 1.94 3.36
CA THR A 346 32.07 0.75 3.73
C THR A 346 33.47 0.86 3.15
N ILE A 347 34.44 0.31 3.89
CA ILE A 347 35.85 0.41 3.53
C ILE A 347 36.38 -0.99 3.27
N ALA A 348 36.58 -1.30 1.99
CA ALA A 348 37.26 -2.54 1.64
C ALA A 348 38.74 -2.43 1.99
N ARG A 349 39.30 -3.50 2.56
CA ARG A 349 40.64 -3.46 3.08
C ARG A 349 41.40 -4.72 2.71
N TYR A 350 42.73 -4.59 2.67
CA TYR A 350 43.63 -5.72 2.52
C TYR A 350 44.87 -5.40 3.34
N PRO A 351 45.30 -6.31 4.23
CA PRO A 351 44.70 -7.62 4.50
C PRO A 351 43.33 -7.55 5.18
N HIS A 352 42.53 -8.61 5.01
CA HIS A 352 41.15 -8.58 5.46
C HIS A 352 41.04 -8.46 6.97
N PHE A 353 42.01 -8.98 7.71
CA PHE A 353 41.96 -8.95 9.16
C PHE A 353 42.43 -7.61 9.75
N ALA A 354 42.77 -6.63 8.91
CA ALA A 354 43.20 -5.35 9.41
C ALA A 354 42.03 -4.58 10.03
N SER A 355 42.36 -3.52 10.75
CA SER A 355 41.35 -2.69 11.39
C SER A 355 40.81 -1.65 10.42
N GLU A 356 39.68 -1.06 10.79
CA GLU A 356 39.12 0.04 10.03
C GLU A 356 39.93 1.31 10.28
N PRO A 357 40.09 2.16 9.27
CA PRO A 357 40.85 3.39 9.45
C PRO A 357 40.14 4.34 10.41
N LEU A 358 40.93 5.05 11.21
CA LEU A 358 40.36 5.98 12.18
C LEU A 358 39.87 7.24 11.47
N LEU A 359 38.59 7.55 11.63
CA LEU A 359 38.01 8.74 11.04
C LEU A 359 38.46 9.97 11.83
N GLY A 360 39.12 10.89 11.15
CA GLY A 360 39.54 12.13 11.79
C GLY A 360 38.44 13.18 11.75
N ASN A 361 38.74 14.34 11.17
CA ASN A 361 37.78 15.42 11.04
C ASN A 361 37.26 15.50 9.61
N THR A 362 36.10 16.13 9.47
CA THR A 362 35.42 16.24 8.19
C THR A 362 35.22 17.70 7.82
N LYS A 363 35.47 18.04 6.56
CA LYS A 363 35.26 19.37 6.02
C LYS A 363 34.26 19.31 4.87
N ILE A 364 33.78 20.49 4.47
CA ILE A 364 32.81 20.63 3.39
C ILE A 364 33.38 21.61 2.37
N ILE A 365 33.51 21.17 1.12
CA ILE A 365 34.01 22.03 0.05
C ILE A 365 32.82 22.65 -0.67
N THR A 366 32.87 23.97 -0.85
CA THR A 366 31.81 24.68 -1.56
C THR A 366 32.08 24.70 -3.06
N SER B 29 11.69 -9.52 0.50
CA SER B 29 10.24 -9.77 0.48
C SER B 29 9.90 -11.05 1.25
N LEU B 30 8.86 -11.00 2.09
CA LEU B 30 7.99 -9.84 2.25
C LEU B 30 8.63 -8.71 3.06
N ASN B 31 8.29 -7.47 2.71
CA ASN B 31 8.83 -6.29 3.35
C ASN B 31 7.71 -5.27 3.49
N TYR B 32 7.29 -4.99 4.73
CA TYR B 32 6.19 -4.07 4.96
C TYR B 32 6.59 -2.62 4.75
N ASN B 33 7.89 -2.32 4.69
CA ASN B 33 8.41 -0.99 4.37
C ASN B 33 8.05 0.03 5.45
N LEU B 34 8.23 -0.37 6.71
CA LEU B 34 8.01 0.55 7.82
C LEU B 34 9.19 1.51 7.94
N PRO B 35 8.94 2.78 8.23
CA PRO B 35 10.04 3.72 8.51
C PRO B 35 10.79 3.33 9.77
N GLU B 36 12.00 3.87 9.92
CA GLU B 36 12.80 3.57 11.09
C GLU B 36 12.12 4.05 12.37
N ILE B 37 11.52 5.25 12.33
CA ILE B 37 10.86 5.79 13.51
C ILE B 37 9.59 5.03 13.86
N SER B 38 9.04 4.25 12.93
CA SER B 38 7.91 3.38 13.19
C SER B 38 8.34 2.01 13.71
N LYS B 39 9.63 1.80 13.95
CA LYS B 39 10.12 0.55 14.50
C LYS B 39 10.91 0.72 15.79
N LYS B 40 10.96 1.93 16.36
CA LYS B 40 11.74 2.19 17.56
C LYS B 40 10.97 3.11 18.49
N PHE B 41 11.12 2.88 19.80
CA PHE B 41 10.60 3.79 20.81
C PHE B 41 11.71 4.77 21.17
N TYR B 42 11.69 5.93 20.52
CA TYR B 42 12.76 6.92 20.66
C TYR B 42 12.52 7.82 21.86
N ASN B 43 13.62 8.23 22.48
CA ASN B 43 13.61 9.30 23.47
C ASN B 43 13.81 10.62 22.75
N LEU B 44 12.82 11.50 22.83
CA LEU B 44 12.83 12.76 22.10
C LEU B 44 13.37 13.87 23.00
N LYS B 45 14.47 14.49 22.58
CA LYS B 45 15.12 15.55 23.35
C LYS B 45 15.09 16.86 22.56
N ASN B 46 15.09 17.97 23.29
CA ASN B 46 15.15 19.28 22.66
C ASN B 46 16.54 19.53 22.11
N LYS B 47 16.61 20.10 20.90
CA LYS B 47 17.89 20.31 20.25
C LYS B 47 18.71 21.39 20.96
N TYR B 48 18.05 22.47 21.40
CA TYR B 48 18.74 23.62 21.95
C TYR B 48 18.86 23.58 23.48
N SER B 49 18.35 22.54 24.12
CA SER B 49 18.52 22.39 25.56
C SER B 49 19.98 22.05 25.87
N ARG B 50 20.51 22.69 26.91
CA ARG B 50 21.91 22.52 27.28
C ARG B 50 22.10 21.59 28.47
N ASN B 51 21.02 21.07 29.07
CA ASN B 51 21.13 20.18 30.22
C ASN B 51 20.41 18.85 30.00
N GLY B 52 20.11 18.52 28.74
CA GLY B 52 19.54 17.23 28.43
C GLY B 52 18.07 17.07 28.74
N TYR B 53 17.26 18.10 28.48
CA TYR B 53 15.84 18.05 28.72
C TYR B 53 15.11 17.45 27.52
N GLY B 54 14.00 16.77 27.80
CA GLY B 54 13.20 16.19 26.75
C GLY B 54 11.84 15.78 27.27
N LEU B 55 11.11 15.04 26.44
CA LEU B 55 9.79 14.56 26.83
C LEU B 55 9.94 13.49 27.91
N SER B 56 9.26 13.70 29.04
CA SER B 56 9.46 12.89 30.23
C SER B 56 8.11 12.46 30.80
N LYS B 57 8.14 11.41 31.62
CA LYS B 57 6.98 10.96 32.37
C LYS B 57 7.18 11.14 33.87
N THR B 58 7.91 12.19 34.26
CA THR B 58 8.16 12.46 35.67
C THR B 58 6.84 12.77 36.38
N GLU B 59 6.78 12.40 37.66
CA GLU B 59 5.60 12.62 38.48
C GLU B 59 5.61 13.95 39.20
N PHE B 60 6.70 14.72 39.10
CA PHE B 60 6.75 16.00 39.76
C PHE B 60 6.09 17.08 38.91
N PRO B 61 5.42 18.04 39.56
CA PRO B 61 4.67 19.05 38.80
C PRO B 61 5.59 20.00 38.07
N SER B 62 4.97 20.80 37.20
CA SER B 62 5.71 21.80 36.43
C SER B 62 6.23 22.90 37.34
N SER B 63 7.42 23.40 37.04
CA SER B 63 8.06 24.43 37.84
C SER B 63 7.81 25.84 37.32
N ILE B 64 7.07 25.99 36.23
CA ILE B 64 6.83 27.29 35.61
C ILE B 64 5.47 27.79 36.06
N GLU B 65 5.35 29.12 36.16
CA GLU B 65 4.16 29.74 36.72
C GLU B 65 2.92 29.46 35.87
N ASN B 66 2.91 29.95 34.63
CA ASN B 66 1.74 29.82 33.76
C ASN B 66 1.77 28.54 32.93
N CYS B 67 2.25 27.44 33.49
CA CYS B 67 2.30 26.14 32.81
C CYS B 67 1.79 25.07 33.77
N PRO B 68 0.48 25.02 34.00
CA PRO B 68 -0.06 24.06 34.96
C PRO B 68 -0.01 22.64 34.41
N SER B 69 0.25 21.68 35.31
CA SER B 69 0.32 20.27 34.96
C SER B 69 -0.70 19.48 35.76
N ASN B 70 -1.02 18.28 35.25
CA ASN B 70 -1.92 17.36 35.93
C ASN B 70 -1.43 15.94 35.68
N GLU B 71 -2.28 14.96 35.98
CA GLU B 71 -1.90 13.56 35.77
C GLU B 71 -1.73 13.24 34.29
N TYR B 72 -2.50 13.90 33.43
CA TYR B 72 -2.50 13.57 32.01
C TYR B 72 -1.50 14.35 31.19
N SER B 73 -0.90 15.41 31.76
CA SER B 73 -0.03 16.28 30.99
C SER B 73 1.21 15.54 30.51
N ILE B 74 1.69 15.94 29.33
CA ILE B 74 2.96 15.44 28.81
C ILE B 74 4.06 16.33 29.41
N MET B 75 4.91 15.74 30.23
CA MET B 75 5.91 16.51 30.95
C MET B 75 7.16 16.71 30.11
N TYR B 76 7.99 17.67 30.55
CA TYR B 76 9.23 18.02 29.88
C TYR B 76 10.30 18.20 30.96
N ASP B 77 11.21 17.24 31.05
CA ASP B 77 12.21 17.24 32.12
C ASP B 77 13.47 16.55 31.61
N ASN B 78 14.53 16.61 32.42
CA ASN B 78 15.78 15.95 32.10
C ASN B 78 15.97 14.63 32.86
N LYS B 79 14.91 14.15 33.51
CA LYS B 79 14.94 12.87 34.20
C LYS B 79 13.71 12.07 33.81
N ASP B 80 13.82 10.75 33.92
CA ASP B 80 12.72 9.82 33.66
C ASP B 80 12.19 10.00 32.24
N PRO B 81 12.97 9.66 31.22
CA PRO B 81 12.57 9.95 29.84
C PRO B 81 11.48 9.02 29.35
N ARG B 82 10.69 9.54 28.40
CA ARG B 82 9.71 8.74 27.69
C ARG B 82 10.35 8.13 26.45
N PHE B 83 9.82 6.98 26.03
CA PHE B 83 10.23 6.32 24.80
C PHE B 83 9.00 6.12 23.93
N LEU B 84 8.95 6.84 22.81
CA LEU B 84 7.74 6.98 22.01
C LEU B 84 7.95 6.40 20.62
N ILE B 85 6.93 5.69 20.14
CA ILE B 85 6.90 5.17 18.78
C ILE B 85 5.95 6.04 17.97
N ARG B 86 6.19 6.10 16.66
CA ARG B 86 5.36 6.87 15.73
C ARG B 86 4.76 5.90 14.72
N PHE B 87 3.48 5.57 14.91
CA PHE B 87 2.78 4.69 13.97
C PHE B 87 2.41 5.48 12.71
N LEU B 88 2.89 5.01 11.56
CA LEU B 88 2.69 5.72 10.30
C LEU B 88 1.28 5.51 9.79
N LEU B 89 0.57 6.61 9.55
CA LEU B 89 -0.74 6.57 8.93
C LEU B 89 -0.62 6.60 7.41
N ASP B 90 -1.75 6.40 6.73
CA ASP B 90 -1.73 6.38 5.28
C ASP B 90 -1.40 7.76 4.70
N ASP B 91 -1.90 8.83 5.33
CA ASP B 91 -1.68 10.17 4.83
C ASP B 91 -0.30 10.72 5.15
N GLY B 92 0.54 9.95 5.85
CA GLY B 92 1.88 10.38 6.20
C GLY B 92 2.01 10.92 7.61
N ARG B 93 0.90 11.23 8.28
CA ARG B 93 0.96 11.65 9.67
C ARG B 93 1.22 10.45 10.58
N TYR B 94 1.44 10.74 11.86
CA TYR B 94 1.88 9.72 12.80
C TYR B 94 1.01 9.74 14.06
N ILE B 95 0.94 8.59 14.71
CA ILE B 95 0.35 8.44 16.04
C ILE B 95 1.51 8.20 17.00
N ILE B 96 1.69 9.12 17.96
CA ILE B 96 2.78 9.05 18.92
C ILE B 96 2.28 8.30 20.15
N ALA B 97 2.85 7.12 20.40
CA ALA B 97 2.40 6.24 21.48
C ALA B 97 3.54 5.97 22.45
N ASP B 98 3.17 5.76 23.72
CA ASP B 98 4.13 5.59 24.79
C ASP B 98 4.39 4.10 25.06
N ARG B 99 5.64 3.77 25.36
CA ARG B 99 6.04 2.37 25.52
C ARG B 99 5.56 1.78 26.84
N ASP B 100 5.37 2.61 27.88
CA ASP B 100 5.11 2.09 29.21
C ASP B 100 3.62 1.91 29.49
N ASP B 101 2.81 2.95 29.29
CA ASP B 101 1.38 2.86 29.54
C ASP B 101 0.57 2.53 28.31
N GLY B 102 1.18 2.56 27.13
CA GLY B 102 0.47 2.22 25.90
C GLY B 102 -0.47 3.28 25.37
N GLU B 103 -0.52 4.45 25.97
CA GLU B 103 -1.41 5.51 25.54
C GLU B 103 -0.71 6.39 24.49
N VAL B 104 -1.50 7.26 23.86
CA VAL B 104 -1.02 8.07 22.75
C VAL B 104 -1.15 9.54 23.11
N PHE B 105 -0.46 10.38 22.33
CA PHE B 105 -0.56 11.82 22.49
C PHE B 105 -1.92 12.31 22.00
N ASP B 106 -2.41 13.37 22.63
CA ASP B 106 -3.74 13.90 22.32
C ASP B 106 -3.73 15.40 22.52
N GLU B 107 -4.22 16.13 21.52
CA GLU B 107 -4.38 17.59 21.62
C GLU B 107 -5.75 17.86 22.24
N ALA B 108 -5.77 18.17 23.53
CA ALA B 108 -7.02 18.40 24.23
C ALA B 108 -7.68 19.69 23.73
N PRO B 109 -9.03 19.74 23.75
CA PRO B 109 -9.72 20.98 23.37
C PRO B 109 -9.67 22.05 24.44
N THR B 110 -9.12 21.76 25.61
CA THR B 110 -8.98 22.75 26.67
C THR B 110 -8.02 23.85 26.23
N TYR B 111 -8.32 25.08 26.66
CA TYR B 111 -7.48 26.23 26.37
C TYR B 111 -6.67 26.62 27.61
N LEU B 112 -5.40 26.95 27.40
CA LEU B 112 -4.54 27.50 28.43
C LEU B 112 -4.40 29.00 28.19
N ASP B 113 -3.38 29.61 28.79
CA ASP B 113 -3.12 31.02 28.54
C ASP B 113 -2.62 31.23 27.11
N ASN B 114 -2.93 32.41 26.56
CA ASN B 114 -2.51 32.81 25.23
C ASN B 114 -3.09 31.89 24.15
N ASN B 115 -4.25 31.28 24.44
CA ASN B 115 -4.96 30.41 23.51
C ASN B 115 -4.08 29.25 23.03
N ASN B 116 -3.76 28.38 24.00
CA ASN B 116 -2.94 27.20 23.75
C ASN B 116 -3.66 25.96 24.25
N HIS B 117 -3.38 24.84 23.59
CA HIS B 117 -3.95 23.55 23.97
C HIS B 117 -2.88 22.68 24.60
N PRO B 118 -3.17 22.04 25.74
CA PRO B 118 -2.21 21.11 26.31
C PRO B 118 -2.20 19.78 25.57
N ILE B 119 -1.04 19.13 25.60
CA ILE B 119 -0.87 17.78 25.06
C ILE B 119 -0.96 16.80 26.22
N ILE B 120 -1.90 15.87 26.14
CA ILE B 120 -2.19 14.95 27.23
C ILE B 120 -2.05 13.52 26.74
N SER B 121 -2.01 12.59 27.70
CA SER B 121 -2.06 11.17 27.42
C SER B 121 -3.50 10.69 27.44
N ARG B 122 -3.82 9.77 26.54
CA ARG B 122 -5.18 9.28 26.40
C ARG B 122 -5.14 8.01 25.57
N HIS B 123 -6.13 7.14 25.79
N HIS B 123 -6.13 7.14 25.79
CA HIS B 123 -6.25 5.92 25.01
CA HIS B 123 -6.20 5.91 25.01
C HIS B 123 -6.53 6.25 23.55
C HIS B 123 -6.56 6.22 23.56
N TYR B 124 -6.08 5.36 22.66
CA TYR B 124 -6.23 5.61 21.23
C TYR B 124 -7.70 5.51 20.82
N THR B 125 -8.15 6.51 20.04
CA THR B 125 -9.50 6.51 19.48
C THR B 125 -9.54 6.70 17.97
N GLY B 126 -8.46 7.17 17.34
CA GLY B 126 -8.45 7.44 15.92
C GLY B 126 -8.91 8.83 15.53
N GLU B 127 -9.29 9.67 16.50
CA GLU B 127 -9.74 11.02 16.20
C GLU B 127 -8.61 11.85 15.62
N GLU B 128 -9.00 12.98 15.00
CA GLU B 128 -8.01 13.87 14.41
C GLU B 128 -7.09 14.49 15.46
N ARG B 129 -7.59 14.69 16.67
CA ARG B 129 -6.82 15.29 17.76
C ARG B 129 -5.66 14.42 18.22
N GLN B 130 -5.51 13.21 17.69
CA GLN B 130 -4.41 12.34 18.05
C GLN B 130 -3.41 12.15 16.91
N LYS B 131 -3.60 12.83 15.79
CA LYS B 131 -2.71 12.73 14.64
C LYS B 131 -1.77 13.93 14.61
N PHE B 132 -0.49 13.68 14.32
CA PHE B 132 0.53 14.71 14.33
C PHE B 132 1.39 14.58 13.08
N GLU B 133 1.77 15.73 12.52
CA GLU B 133 2.60 15.78 11.33
C GLU B 133 4.01 16.21 11.70
N GLN B 134 5.01 15.50 11.17
CA GLN B 134 6.40 15.78 11.43
C GLN B 134 7.03 16.47 10.24
N VAL B 135 7.74 17.57 10.51
CA VAL B 135 8.36 18.38 9.46
C VAL B 135 9.83 18.54 9.82
N GLY B 136 10.71 18.08 8.94
CA GLY B 136 12.15 18.20 9.16
C GLY B 136 12.69 19.52 8.65
N SER B 137 13.62 20.09 9.41
CA SER B 137 14.25 21.35 9.05
C SER B 137 15.68 21.35 9.55
N GLY B 138 16.42 22.37 9.15
CA GLY B 138 17.79 22.53 9.58
C GLY B 138 18.81 22.14 8.52
N ASP B 139 20.04 21.95 8.98
CA ASP B 139 21.18 21.68 8.11
C ASP B 139 21.40 20.18 8.04
N TYR B 140 20.82 19.55 7.02
CA TYR B 140 21.03 18.11 6.81
C TYR B 140 22.46 17.82 6.42
N ILE B 141 23.15 18.78 5.78
CA ILE B 141 24.50 18.54 5.30
C ILE B 141 25.46 18.33 6.46
N THR B 142 25.32 19.10 7.53
CA THR B 142 26.18 19.00 8.69
C THR B 142 25.62 18.05 9.75
N GLY B 143 24.49 17.40 9.49
CA GLY B 143 23.89 16.52 10.47
C GLY B 143 23.25 17.23 11.64
N GLU B 144 22.96 18.53 11.50
CA GLU B 144 22.38 19.34 12.56
C GLU B 144 20.88 19.57 12.37
N GLN B 145 20.20 18.71 11.61
CA GLN B 145 18.79 18.91 11.34
C GLN B 145 17.94 18.49 12.54
N PHE B 146 16.71 18.98 12.57
CA PHE B 146 15.76 18.67 13.63
C PHE B 146 14.39 18.46 12.97
N PHE B 147 13.36 18.33 13.80
CA PHE B 147 12.00 18.17 13.30
C PHE B 147 11.02 18.76 14.30
N GLN B 148 9.86 19.15 13.79
CA GLN B 148 8.77 19.72 14.57
C GLN B 148 7.53 18.86 14.44
N PHE B 149 6.51 19.19 15.23
CA PHE B 149 5.23 18.52 15.19
C PHE B 149 4.13 19.55 15.01
N TYR B 150 3.31 19.39 13.98
CA TYR B 150 2.24 20.31 13.66
C TYR B 150 0.88 19.60 13.74
N THR B 151 -0.16 20.40 13.96
CA THR B 151 -1.53 19.90 14.03
C THR B 151 -2.44 20.83 13.25
N GLN B 152 -3.61 20.29 12.88
CA GLN B 152 -4.67 21.06 12.22
C GLN B 152 -4.17 21.72 10.94
N ASN B 153 -3.46 20.94 10.13
CA ASN B 153 -2.97 21.38 8.82
C ASN B 153 -2.02 22.58 8.96
N LYS B 154 -0.94 22.36 9.69
CA LYS B 154 0.16 23.32 9.85
C LYS B 154 -0.29 24.64 10.47
N THR B 155 -1.38 24.66 11.23
CA THR B 155 -1.82 25.88 11.90
C THR B 155 -1.36 25.96 13.34
N ARG B 156 -0.95 24.85 13.95
CA ARG B 156 -0.42 24.84 15.31
C ARG B 156 0.82 23.98 15.35
N VAL B 157 1.69 24.26 16.32
CA VAL B 157 2.96 23.56 16.47
C VAL B 157 3.16 23.22 17.94
N LEU B 158 3.74 22.06 18.20
CA LEU B 158 4.01 21.63 19.57
C LEU B 158 5.24 22.36 20.10
N SER B 159 5.12 22.89 21.32
CA SER B 159 6.15 23.74 21.89
C SER B 159 6.29 23.44 23.38
N ASN B 160 7.51 23.64 23.89
CA ASN B 160 7.72 23.68 25.32
C ASN B 160 7.06 24.93 25.90
N CYS B 161 6.51 24.81 27.10
CA CYS B 161 5.87 25.94 27.75
C CYS B 161 6.96 26.81 28.38
N ARG B 162 7.37 27.85 27.65
CA ARG B 162 8.26 28.91 28.13
C ARG B 162 9.70 28.44 28.35
N ALA B 163 9.90 27.32 29.04
CA ALA B 163 11.21 26.93 29.52
C ALA B 163 11.93 26.00 28.54
N LEU B 164 13.26 26.15 28.50
CA LEU B 164 14.13 25.25 27.74
C LEU B 164 14.84 24.23 28.64
N ASP B 165 15.26 24.64 29.83
CA ASP B 165 16.00 23.78 30.76
C ASP B 165 15.31 23.78 32.12
N SER B 166 13.99 23.57 32.11
CA SER B 166 13.23 23.50 33.35
C SER B 166 12.06 22.54 33.15
N ARG B 167 11.57 21.99 34.26
CA ARG B 167 10.44 21.08 34.20
C ARG B 167 9.19 21.85 33.81
N THR B 168 8.61 21.51 32.66
CA THR B 168 7.43 22.22 32.17
C THR B 168 6.56 21.23 31.40
N ILE B 169 5.51 21.74 30.77
CA ILE B 169 4.56 20.92 30.05
C ILE B 169 4.73 21.15 28.54
N LEU B 170 4.10 20.29 27.76
CA LEU B 170 4.06 20.40 26.31
C LEU B 170 2.68 20.86 25.87
N LEU B 171 2.64 21.76 24.88
CA LEU B 171 1.40 22.32 24.39
C LEU B 171 1.52 22.54 22.89
N SER B 172 0.44 23.06 22.29
CA SER B 172 0.42 23.48 20.90
C SER B 172 0.00 24.94 20.82
N THR B 173 0.66 25.70 19.96
CA THR B 173 0.42 27.13 19.84
C THR B 173 0.25 27.51 18.39
N ALA B 174 -0.59 28.52 18.16
CA ALA B 174 -0.76 29.09 16.83
C ALA B 174 0.28 30.14 16.50
N LYS B 175 1.24 30.37 17.40
CA LYS B 175 2.31 31.34 17.19
C LYS B 175 3.47 30.64 16.49
N ILE B 176 3.40 30.56 15.16
CA ILE B 176 4.43 29.93 14.35
C ILE B 176 5.39 31.00 13.87
N PHE B 177 6.68 30.80 14.13
CA PHE B 177 7.73 31.74 13.78
C PHE B 177 8.61 31.17 12.68
N PRO B 178 9.35 32.02 11.96
CA PRO B 178 10.16 31.52 10.84
C PRO B 178 11.20 30.50 11.28
N ILE B 179 11.56 29.62 10.36
CA ILE B 179 12.44 28.50 10.65
C ILE B 179 13.87 28.78 10.20
N TYR B 180 14.05 29.50 9.08
CA TYR B 180 15.39 29.80 8.62
C TYR B 180 16.22 30.61 9.62
N PRO B 181 15.65 31.43 10.51
CA PRO B 181 16.41 31.92 11.64
C PRO B 181 15.85 31.36 12.93
N PRO B 182 16.41 30.23 13.41
CA PRO B 182 15.86 29.60 14.62
C PRO B 182 15.62 30.57 15.76
N ALA B 183 14.49 31.26 15.71
CA ALA B 183 14.13 32.25 16.71
C ALA B 183 14.03 31.61 18.09
N SER B 184 14.03 32.47 19.12
CA SER B 184 14.01 31.97 20.49
C SER B 184 12.80 31.09 20.74
N GLU B 185 11.62 31.51 20.24
CA GLU B 185 10.42 30.73 20.45
C GLU B 185 10.42 29.44 19.65
N THR B 186 11.01 29.46 18.45
CA THR B 186 11.11 28.24 17.66
C THR B 186 11.97 27.20 18.34
N GLN B 187 12.98 27.61 19.11
CA GLN B 187 13.84 26.67 19.81
C GLN B 187 13.07 25.79 20.79
N LEU B 188 11.92 26.25 21.26
CA LEU B 188 11.08 25.44 22.13
C LEU B 188 10.32 24.33 21.39
N THR B 189 10.51 24.22 20.07
CA THR B 189 9.79 23.26 19.26
C THR B 189 10.70 22.27 18.53
N ALA B 190 12.02 22.38 18.69
CA ALA B 190 12.97 21.55 17.94
C ALA B 190 13.24 20.26 18.71
N PHE B 191 13.00 19.13 18.05
CA PHE B 191 13.22 17.81 18.64
C PHE B 191 14.25 17.04 17.84
N VAL B 192 14.96 16.14 18.53
CA VAL B 192 15.91 15.23 17.90
C VAL B 192 15.74 13.85 18.52
N ASN B 193 16.29 12.84 17.83
CA ASN B 193 16.23 11.47 18.31
C ASN B 193 17.44 11.16 19.18
N SER B 194 17.22 10.39 20.25
CA SER B 194 18.30 10.00 21.14
C SER B 194 18.32 8.48 21.33
N SER B 195 18.24 8.03 22.58
CA SER B 195 18.19 6.60 22.86
C SER B 195 16.89 6.01 22.35
N PHE B 196 16.86 4.68 22.23
CA PHE B 196 15.65 4.01 21.75
C PHE B 196 15.60 2.58 22.27
N TYR B 197 14.38 2.06 22.34
CA TYR B 197 14.11 0.64 22.49
C TYR B 197 13.53 0.12 21.18
N ALA B 198 13.97 -1.07 20.77
CA ALA B 198 13.43 -1.67 19.56
C ALA B 198 12.00 -2.13 19.81
N ALA B 199 11.13 -1.86 18.83
CA ALA B 199 9.77 -2.35 18.90
C ALA B 199 9.74 -3.83 18.57
N ALA B 200 8.75 -4.53 19.13
CA ALA B 200 8.57 -5.96 18.87
C ALA B 200 7.88 -6.12 17.52
N ILE B 201 8.60 -6.66 16.54
CA ILE B 201 8.11 -6.80 15.18
C ILE B 201 8.22 -8.25 14.76
N PRO B 202 7.12 -8.92 14.41
CA PRO B 202 7.21 -10.30 13.95
C PRO B 202 7.76 -10.39 12.54
N GLN B 203 8.36 -11.54 12.24
CA GLN B 203 8.89 -11.81 10.91
C GLN B 203 7.75 -12.14 9.95
N LEU B 204 7.83 -11.58 8.75
CA LEU B 204 6.82 -11.86 7.72
C LEU B 204 7.08 -13.22 7.09
N PRO B 205 6.06 -14.05 6.92
CA PRO B 205 6.27 -15.36 6.30
C PRO B 205 6.42 -15.24 4.79
N GLN B 206 7.15 -16.20 4.23
N GLN B 206 7.16 -16.19 4.23
CA GLN B 206 7.36 -16.25 2.79
CA GLN B 206 7.35 -16.25 2.78
C GLN B 206 6.14 -16.85 2.11
C GLN B 206 6.13 -16.84 2.11
N THR B 207 5.81 -16.34 0.92
CA THR B 207 4.65 -16.81 0.19
C THR B 207 4.91 -18.19 -0.40
N SER B 208 3.82 -18.91 -0.67
CA SER B 208 3.87 -20.22 -1.30
C SER B 208 2.75 -20.31 -2.34
N LEU B 209 2.82 -21.36 -3.16
CA LEU B 209 1.87 -21.55 -4.24
C LEU B 209 0.67 -22.37 -3.80
N LEU B 210 -0.47 -22.12 -4.44
CA LEU B 210 -1.68 -22.88 -4.15
C LEU B 210 -1.67 -24.20 -4.91
N GLU B 211 -1.99 -25.28 -4.20
CA GLU B 211 -1.96 -26.61 -4.80
C GLU B 211 -3.13 -26.79 -5.76
N ASN B 212 -3.11 -27.92 -6.46
CA ASN B 212 -4.24 -28.31 -7.30
C ASN B 212 -5.36 -28.87 -6.44
N ILE B 213 -6.52 -29.05 -7.05
CA ILE B 213 -7.69 -29.58 -6.33
C ILE B 213 -7.43 -31.05 -5.97
N PRO B 214 -7.55 -31.43 -4.70
CA PRO B 214 -7.19 -32.80 -4.31
C PRO B 214 -8.10 -33.84 -4.98
N GLU B 215 -7.47 -34.92 -5.44
CA GLU B 215 -8.15 -36.02 -6.12
C GLU B 215 -8.43 -37.15 -5.12
N PRO B 216 -9.66 -37.66 -5.07
CA PRO B 216 -9.93 -38.80 -4.18
C PRO B 216 -9.26 -40.06 -4.70
N THR B 217 -8.88 -40.93 -3.76
CA THR B 217 -8.12 -42.12 -4.09
C THR B 217 -8.99 -43.36 -4.32
N SER B 218 -10.23 -43.35 -3.82
CA SER B 218 -11.10 -44.52 -3.95
C SER B 218 -12.54 -44.07 -3.76
N LEU B 219 -13.47 -45.02 -3.84
CA LEU B 219 -14.88 -44.72 -3.63
C LEU B 219 -15.16 -44.31 -2.19
N ASP B 220 -14.43 -44.87 -1.23
CA ASP B 220 -14.62 -44.53 0.17
C ASP B 220 -13.86 -43.28 0.59
N ASP B 221 -12.97 -42.75 -0.27
CA ASP B 221 -12.24 -41.54 0.05
C ASP B 221 -13.19 -40.35 0.03
N SER B 222 -13.48 -39.79 1.20
CA SER B 222 -14.42 -38.68 1.31
C SER B 222 -13.76 -37.33 1.03
N GLY B 223 -12.48 -37.29 0.70
CA GLY B 223 -11.82 -36.05 0.35
C GLY B 223 -11.12 -35.41 1.53
N VAL B 224 -10.55 -34.24 1.26
CA VAL B 224 -9.74 -33.50 2.22
C VAL B 224 -10.62 -32.50 2.94
N LEU B 225 -10.75 -32.67 4.25
CA LEU B 225 -11.50 -31.75 5.09
C LEU B 225 -10.73 -30.45 5.30
N PRO B 226 -11.43 -29.35 5.60
CA PRO B 226 -10.73 -28.06 5.78
C PRO B 226 -9.67 -28.09 6.87
N LYS B 227 -9.87 -28.84 7.94
CA LYS B 227 -8.87 -28.92 9.00
C LYS B 227 -7.57 -29.54 8.55
N ASP B 228 -7.56 -30.20 7.38
CA ASP B 228 -6.36 -30.87 6.88
C ASP B 228 -5.84 -30.30 5.57
N ALA B 229 -6.55 -29.36 4.94
CA ALA B 229 -6.15 -28.85 3.65
C ALA B 229 -4.84 -28.08 3.75
N VAL B 230 -4.01 -28.19 2.72
CA VAL B 230 -2.74 -27.49 2.68
C VAL B 230 -3.00 -26.04 2.30
N ARG B 231 -2.46 -25.12 3.08
CA ARG B 231 -2.65 -23.69 2.87
C ARG B 231 -1.47 -23.09 2.15
N ALA B 232 -1.75 -22.04 1.37
CA ALA B 232 -0.73 -21.28 0.66
C ALA B 232 -0.72 -19.86 1.19
N VAL B 233 0.46 -19.36 1.53
CA VAL B 233 0.60 -18.00 2.05
C VAL B 233 0.60 -17.03 0.88
N LYS B 234 -0.29 -16.03 0.93
CA LYS B 234 -0.41 -15.05 -0.12
C LYS B 234 -0.13 -13.62 0.32
N GLY B 235 -0.10 -13.35 1.62
CA GLY B 235 0.15 -11.98 2.08
C GLY B 235 0.24 -11.94 3.58
N SER B 236 0.67 -10.78 4.08
CA SER B 236 0.82 -10.54 5.51
C SER B 236 0.98 -9.05 5.74
N ALA B 237 0.51 -8.59 6.90
CA ALA B 237 0.57 -7.19 7.27
C ALA B 237 0.92 -7.05 8.74
N LEU B 238 1.58 -5.94 9.08
CA LEU B 238 1.93 -5.62 10.45
C LEU B 238 0.90 -4.63 10.99
N LEU B 239 0.21 -5.01 12.07
CA LEU B 239 -0.88 -4.21 12.62
C LEU B 239 -0.44 -3.56 13.91
N PRO B 240 -0.57 -2.24 14.04
CA PRO B 240 -0.28 -1.59 15.33
C PRO B 240 -1.23 -2.09 16.40
N CYS B 241 -0.67 -2.40 17.58
CA CYS B 241 -1.47 -2.97 18.65
C CYS B 241 -2.60 -2.06 19.10
N ILE B 242 -2.54 -0.76 18.79
CA ILE B 242 -3.57 0.17 19.21
C ILE B 242 -4.91 -0.14 18.55
N ILE B 243 -4.89 -0.76 17.37
CA ILE B 243 -6.13 -1.13 16.68
C ILE B 243 -6.48 -2.60 16.86
N VAL B 244 -5.69 -3.34 17.63
CA VAL B 244 -5.91 -4.76 17.87
C VAL B 244 -6.54 -4.93 19.25
N HIS B 245 -7.62 -5.71 19.31
CA HIS B 245 -8.31 -5.98 20.57
C HIS B 245 -7.91 -7.37 21.04
N ASP B 246 -6.92 -7.43 21.92
CA ASP B 246 -6.46 -8.68 22.51
C ASP B 246 -6.80 -8.69 23.98
N PRO B 247 -7.66 -9.60 24.45
CA PRO B 247 -8.04 -9.60 25.88
C PRO B 247 -7.02 -10.25 26.79
N ASN B 248 -6.15 -11.13 26.28
CA ASN B 248 -5.24 -11.89 27.12
C ASN B 248 -4.08 -11.06 27.65
N LEU B 249 -3.84 -9.87 27.13
CA LEU B 249 -2.74 -9.03 27.56
C LEU B 249 -3.25 -7.66 28.01
N ASN B 250 -2.42 -6.97 28.78
CA ASN B 250 -2.70 -5.60 29.17
C ASN B 250 -2.06 -4.63 28.18
N ASN B 251 -2.47 -3.35 28.27
CA ASN B 251 -1.98 -2.36 27.33
C ASN B 251 -0.48 -2.13 27.47
N SER B 252 0.08 -2.39 28.65
CA SER B 252 1.51 -2.21 28.86
C SER B 252 2.30 -3.32 28.17
N ASP B 253 1.98 -4.58 28.45
CA ASP B 253 2.68 -5.69 27.81
C ASP B 253 2.39 -5.75 26.31
N LYS B 254 1.19 -5.35 25.89
CA LYS B 254 0.86 -5.37 24.46
C LYS B 254 1.68 -4.37 23.67
N MET B 255 2.15 -3.29 24.29
CA MET B 255 2.97 -2.29 23.60
C MET B 255 4.44 -2.69 23.53
N LYS B 256 4.97 -3.31 24.59
CA LYS B 256 6.38 -3.65 24.61
C LYS B 256 6.67 -4.95 23.86
N PHE B 257 5.85 -5.98 24.10
CA PHE B 257 6.12 -7.31 23.57
C PHE B 257 5.32 -7.65 22.32
N ASN B 258 4.27 -6.89 22.02
CA ASN B 258 3.49 -7.10 20.80
C ASN B 258 3.19 -5.75 20.14
N THR B 259 4.25 -4.97 19.92
CA THR B 259 4.08 -3.64 19.33
C THR B 259 3.36 -3.73 17.98
N TYR B 260 3.63 -4.79 17.21
CA TYR B 260 2.95 -5.04 15.95
C TYR B 260 2.43 -6.48 15.94
N TYR B 261 1.19 -6.65 15.50
CA TYR B 261 0.60 -7.95 15.32
C TYR B 261 0.77 -8.42 13.88
N LEU B 262 0.84 -9.73 13.69
CA LEU B 262 0.94 -10.33 12.37
C LEU B 262 -0.44 -10.74 11.89
N LEU B 263 -0.80 -10.31 10.67
CA LEU B 263 -2.07 -10.67 10.05
C LEU B 263 -1.74 -11.34 8.72
N GLU B 264 -1.82 -12.67 8.68
CA GLU B 264 -1.52 -13.42 7.47
C GLU B 264 -2.78 -13.60 6.63
N TYR B 265 -2.57 -13.78 5.33
CA TYR B 265 -3.63 -14.11 4.40
C TYR B 265 -3.25 -15.40 3.69
N LYS B 266 -4.07 -16.44 3.85
CA LYS B 266 -3.81 -17.74 3.29
C LYS B 266 -4.98 -18.20 2.42
N GLU B 267 -4.69 -19.12 1.51
CA GLU B 267 -5.69 -19.69 0.62
C GLU B 267 -5.59 -21.21 0.65
N TYR B 268 -6.75 -21.87 0.64
CA TYR B 268 -6.81 -23.33 0.59
C TYR B 268 -8.11 -23.74 -0.07
N TRP B 269 -8.20 -25.02 -0.41
CA TRP B 269 -9.40 -25.56 -1.05
C TRP B 269 -10.35 -26.05 0.02
N HIS B 270 -11.52 -25.41 0.10
CA HIS B 270 -12.52 -25.70 1.11
C HIS B 270 -13.57 -26.63 0.52
N GLN B 271 -13.67 -27.84 1.08
CA GLN B 271 -14.59 -28.83 0.55
C GLN B 271 -16.04 -28.40 0.78
N LEU B 272 -16.85 -28.47 -0.28
CA LEU B 272 -18.27 -28.17 -0.17
C LEU B 272 -19.11 -29.40 0.09
N TRP B 273 -18.83 -30.49 -0.61
CA TRP B 273 -19.56 -31.75 -0.42
C TRP B 273 -18.75 -32.89 -1.02
N SER B 274 -19.03 -34.10 -0.53
CA SER B 274 -18.43 -35.31 -1.05
C SER B 274 -19.49 -36.40 -1.03
N GLN B 275 -19.68 -37.08 -2.16
CA GLN B 275 -20.83 -37.98 -2.29
C GLN B 275 -20.59 -38.95 -3.45
N ILE B 276 -21.12 -40.16 -3.30
CA ILE B 276 -21.19 -41.13 -4.37
C ILE B 276 -22.45 -40.86 -5.17
N ILE B 277 -22.30 -40.58 -6.47
CA ILE B 277 -23.43 -40.33 -7.35
C ILE B 277 -23.65 -41.57 -8.20
N PRO B 278 -24.82 -42.21 -8.12
CA PRO B 278 -25.06 -43.42 -8.91
C PRO B 278 -25.08 -43.13 -10.40
N ALA B 279 -25.11 -44.22 -11.17
CA ALA B 279 -25.03 -44.12 -12.62
C ALA B 279 -26.30 -43.51 -13.19
N HIS B 280 -26.14 -42.53 -14.09
CA HIS B 280 -27.25 -41.95 -14.85
C HIS B 280 -28.35 -41.39 -13.95
N GLN B 281 -27.94 -40.79 -12.83
CA GLN B 281 -28.88 -40.22 -11.88
C GLN B 281 -28.55 -38.75 -11.63
N THR B 282 -29.58 -38.00 -11.26
CA THR B 282 -29.45 -36.59 -10.90
C THR B 282 -29.74 -36.44 -9.42
N VAL B 283 -28.82 -35.81 -8.69
CA VAL B 283 -28.96 -35.64 -7.24
C VAL B 283 -28.97 -34.15 -6.92
N LYS B 284 -29.68 -33.81 -5.84
CA LYS B 284 -29.75 -32.45 -5.35
C LYS B 284 -28.77 -32.29 -4.19
N ILE B 285 -27.84 -31.34 -4.32
CA ILE B 285 -26.79 -31.13 -3.34
C ILE B 285 -26.79 -29.67 -2.93
N GLN B 286 -26.72 -29.42 -1.62
CA GLN B 286 -26.66 -28.07 -1.07
C GLN B 286 -25.21 -27.59 -1.01
N GLU B 287 -25.01 -26.32 -1.35
CA GLU B 287 -23.68 -25.71 -1.33
C GLU B 287 -23.74 -24.44 -0.50
N ARG B 288 -22.90 -24.36 0.54
CA ARG B 288 -22.90 -23.25 1.47
C ARG B 288 -21.57 -22.52 1.38
N THR B 289 -21.61 -21.25 0.99
CA THR B 289 -20.41 -20.45 0.85
C THR B 289 -20.56 -19.09 1.51
N GLY B 290 -19.58 -18.21 1.33
CA GLY B 290 -19.62 -16.89 1.93
C GLY B 290 -18.99 -16.85 3.30
N ILE B 291 -19.61 -16.10 4.22
CA ILE B 291 -19.11 -15.97 5.58
C ILE B 291 -20.29 -15.69 6.50
N SER B 292 -20.20 -16.20 7.73
CA SER B 292 -21.27 -16.02 8.70
C SER B 292 -21.23 -14.61 9.29
N GLU B 293 -22.36 -14.20 9.87
CA GLU B 293 -22.44 -12.90 10.50
C GLU B 293 -21.68 -12.86 11.82
N VAL B 294 -21.68 -13.96 12.56
CA VAL B 294 -20.94 -14.01 13.83
C VAL B 294 -19.44 -13.97 13.57
N VAL B 295 -18.99 -14.50 12.44
CA VAL B 295 -17.57 -14.44 12.10
C VAL B 295 -17.19 -13.02 11.67
N GLN B 296 -18.09 -12.34 10.96
CA GLN B 296 -17.85 -10.95 10.60
C GLN B 296 -17.75 -10.08 11.84
N ASN B 297 -18.72 -10.21 12.75
CA ASN B 297 -18.70 -9.42 13.97
C ASN B 297 -17.46 -9.71 14.81
N SER B 298 -16.96 -10.96 14.75
CA SER B 298 -15.75 -11.30 15.48
C SER B 298 -14.55 -10.51 14.95
N MET B 299 -14.39 -10.49 13.63
CA MET B 299 -13.28 -9.74 13.04
C MET B 299 -13.45 -8.24 13.23
N ILE B 300 -14.70 -7.76 13.24
CA ILE B 300 -14.95 -6.35 13.54
C ILE B 300 -14.55 -6.03 14.98
N GLU B 301 -14.84 -6.95 15.90
CA GLU B 301 -14.54 -6.72 17.31
C GLU B 301 -13.03 -6.65 17.55
N ASP B 302 -12.27 -7.56 16.95
CA ASP B 302 -10.85 -7.63 17.23
C ASP B 302 -10.02 -6.67 16.39
N LEU B 303 -10.43 -6.42 15.15
CA LEU B 303 -9.62 -5.67 14.22
C LEU B 303 -10.32 -4.48 13.56
N ASN B 304 -11.62 -4.29 13.77
CA ASN B 304 -12.40 -3.26 13.07
C ASN B 304 -12.30 -3.43 11.55
N MET B 305 -12.27 -4.69 11.11
CA MET B 305 -12.22 -5.03 9.69
C MET B 305 -13.25 -6.10 9.41
N TYR B 306 -13.72 -6.13 8.16
CA TYR B 306 -14.66 -7.15 7.73
C TYR B 306 -14.59 -7.28 6.22
N ILE B 307 -15.28 -8.30 5.69
CA ILE B 307 -15.20 -8.65 4.27
C ILE B 307 -16.43 -8.13 3.56
N GLY B 308 -16.20 -7.53 2.38
CA GLY B 308 -17.28 -7.04 1.56
C GLY B 308 -17.85 -8.10 0.63
N ALA B 309 -18.94 -7.75 -0.04
CA ALA B 309 -19.60 -8.70 -0.94
C ALA B 309 -18.72 -9.07 -2.13
N ASP B 310 -17.80 -8.18 -2.51
CA ASP B 310 -16.84 -8.46 -3.58
C ASP B 310 -15.57 -9.12 -3.06
N PHE B 311 -15.60 -9.64 -1.83
CA PHE B 311 -14.44 -10.27 -1.20
C PHE B 311 -13.26 -9.31 -1.05
N GLY B 312 -13.56 -8.02 -0.93
CA GLY B 312 -12.57 -7.02 -0.59
C GLY B 312 -12.67 -6.63 0.88
N MET B 313 -11.64 -5.91 1.33
CA MET B 313 -11.53 -5.54 2.74
C MET B 313 -12.26 -4.23 3.01
N LEU B 314 -13.08 -4.21 4.05
CA LEU B 314 -13.76 -3.02 4.52
C LEU B 314 -13.31 -2.71 5.95
N PHE B 315 -13.29 -1.42 6.28
CA PHE B 315 -12.71 -0.97 7.54
C PHE B 315 -13.68 -0.04 8.27
N TYR B 316 -13.47 0.06 9.58
CA TYR B 316 -14.20 0.99 10.44
C TYR B 316 -13.25 2.07 10.94
N PHE B 317 -13.78 2.95 11.80
CA PHE B 317 -13.08 4.20 12.12
C PHE B 317 -11.73 3.96 12.78
N ARG B 318 -11.66 3.02 13.73
CA ARG B 318 -10.43 2.83 14.49
C ARG B 318 -9.27 2.39 13.62
N SER B 319 -9.55 1.70 12.52
CA SER B 319 -8.52 1.09 11.69
C SER B 319 -8.45 1.66 10.28
N SER B 320 -9.36 2.56 9.90
N SER B 320 -9.36 2.55 9.89
CA SER B 320 -9.37 3.07 8.53
CA SER B 320 -9.37 3.07 8.53
C SER B 320 -8.15 3.93 8.21
C SER B 320 -8.14 3.91 8.22
N GLY B 321 -7.43 4.40 9.23
CA GLY B 321 -6.24 5.20 8.99
C GLY B 321 -5.10 4.44 8.38
N PHE B 322 -5.10 3.11 8.49
CA PHE B 322 -4.02 2.28 7.98
C PHE B 322 -4.47 1.32 6.88
N LYS B 323 -5.67 1.54 6.31
CA LYS B 323 -6.26 0.53 5.44
C LYS B 323 -5.49 0.35 4.13
N GLU B 324 -4.79 1.38 3.66
CA GLU B 324 -4.06 1.26 2.41
C GLU B 324 -2.77 0.47 2.59
N GLN B 325 -2.06 0.68 3.71
CA GLN B 325 -0.86 -0.10 3.98
C GLN B 325 -1.20 -1.55 4.26
N ILE B 326 -2.31 -1.81 4.96
CA ILE B 326 -2.69 -3.18 5.30
C ILE B 326 -3.03 -3.95 4.04
N THR B 327 -3.77 -3.33 3.11
CA THR B 327 -4.18 -4.04 1.90
C THR B 327 -3.01 -4.33 0.98
N ARG B 328 -2.04 -3.42 0.92
CA ARG B 328 -0.86 -3.65 0.09
C ARG B 328 -0.04 -4.82 0.61
N GLY B 329 0.03 -4.98 1.93
CA GLY B 329 0.74 -6.12 2.49
C GLY B 329 -0.04 -7.41 2.35
N LEU B 330 -1.35 -7.36 2.58
CA LEU B 330 -2.20 -8.55 2.44
C LEU B 330 -2.36 -8.98 1.00
N ASN B 331 -2.06 -8.10 0.04
CA ASN B 331 -2.33 -8.32 -1.38
C ASN B 331 -3.82 -8.53 -1.66
N ARG B 332 -4.68 -8.07 -0.75
CA ARG B 332 -6.13 -8.09 -0.94
C ARG B 332 -6.62 -6.68 -1.17
N PRO B 333 -7.40 -6.44 -2.22
CA PRO B 333 -7.78 -5.07 -2.56
C PRO B 333 -8.85 -4.51 -1.63
N LEU B 334 -8.90 -3.19 -1.59
CA LEU B 334 -9.98 -2.49 -0.90
C LEU B 334 -11.31 -2.81 -1.58
N SER B 335 -12.34 -3.03 -0.77
CA SER B 335 -13.65 -3.34 -1.33
C SER B 335 -14.25 -2.11 -2.01
N GLN B 336 -14.92 -2.34 -3.14
CA GLN B 336 -15.58 -1.30 -3.89
C GLN B 336 -17.10 -1.31 -3.70
N THR B 337 -17.58 -2.00 -2.66
CA THR B 337 -18.99 -2.05 -2.35
C THR B 337 -19.19 -1.79 -0.87
N THR B 338 -20.39 -1.34 -0.52
CA THR B 338 -20.79 -1.16 0.87
C THR B 338 -21.58 -2.35 1.40
N THR B 339 -21.79 -3.38 0.59
CA THR B 339 -22.53 -4.55 1.02
C THR B 339 -21.62 -5.50 1.76
N GLN B 340 -22.08 -5.96 2.92
CA GLN B 340 -21.31 -6.89 3.74
C GLN B 340 -21.50 -8.31 3.22
N LEU B 341 -20.40 -9.05 3.11
CA LEU B 341 -20.50 -10.45 2.70
C LEU B 341 -21.27 -11.25 3.74
N GLY B 342 -22.15 -12.13 3.27
CA GLY B 342 -22.98 -12.91 4.16
C GLY B 342 -23.08 -14.37 3.76
N GLU B 343 -23.96 -15.11 4.43
N GLU B 343 -23.97 -15.10 4.41
CA GLU B 343 -24.15 -16.51 4.11
CA GLU B 343 -24.15 -16.52 4.12
C GLU B 343 -24.83 -16.67 2.76
C GLU B 343 -24.87 -16.72 2.79
N ARG B 344 -24.40 -17.67 2.00
CA ARG B 344 -24.95 -17.96 0.68
C ARG B 344 -25.30 -19.44 0.62
N VAL B 345 -26.59 -19.73 0.46
CA VAL B 345 -27.09 -21.10 0.38
C VAL B 345 -27.66 -21.32 -1.01
N GLU B 346 -27.10 -22.29 -1.74
CA GLU B 346 -27.52 -22.58 -3.09
C GLU B 346 -27.77 -24.08 -3.24
N GLU B 347 -28.81 -24.42 -4.01
CA GLU B 347 -29.18 -25.80 -4.28
C GLU B 347 -28.85 -26.12 -5.73
N MET B 348 -27.96 -27.09 -5.92
CA MET B 348 -27.52 -27.51 -7.25
C MET B 348 -28.02 -28.91 -7.57
N GLU B 349 -28.14 -29.19 -8.85
CA GLU B 349 -28.50 -30.53 -9.34
C GLU B 349 -27.46 -30.94 -10.38
N TYR B 350 -26.75 -32.03 -10.09
CA TYR B 350 -25.72 -32.56 -10.97
C TYR B 350 -26.17 -33.89 -11.55
N TYR B 351 -25.64 -34.21 -12.73
CA TYR B 351 -25.97 -35.44 -13.43
C TYR B 351 -24.70 -36.21 -13.77
N ASN B 352 -24.65 -37.48 -13.37
CA ASN B 352 -23.54 -38.37 -13.65
C ASN B 352 -23.89 -39.19 -14.89
N SER B 353 -23.15 -38.97 -15.97
CA SER B 353 -23.46 -39.59 -17.26
C SER B 353 -22.79 -40.95 -17.44
N ASN B 354 -22.03 -41.43 -16.47
CA ASN B 354 -21.38 -42.72 -16.61
C ASN B 354 -22.31 -43.85 -16.19
N ASP B 355 -22.04 -45.05 -16.70
N ASP B 355 -22.00 -45.05 -16.66
CA ASP B 355 -22.82 -46.21 -16.27
CA ASP B 355 -22.73 -46.27 -16.35
C ASP B 355 -22.18 -46.93 -15.09
C ASP B 355 -22.29 -46.91 -15.04
N LEU B 356 -21.59 -46.17 -14.18
CA LEU B 356 -21.07 -46.69 -12.94
C LEU B 356 -21.16 -45.61 -11.86
N ASP B 357 -21.04 -46.03 -10.61
CA ASP B 357 -21.07 -45.12 -9.48
C ASP B 357 -19.72 -44.44 -9.32
N VAL B 358 -19.73 -43.11 -9.14
CA VAL B 358 -18.51 -42.32 -9.09
C VAL B 358 -18.53 -41.46 -7.84
N ARG B 359 -17.39 -41.41 -7.14
CA ARG B 359 -17.21 -40.50 -6.02
C ARG B 359 -16.86 -39.12 -6.54
N TYR B 360 -17.66 -38.12 -6.16
CA TYR B 360 -17.46 -36.74 -6.60
C TYR B 360 -17.26 -35.83 -5.39
N VAL B 361 -16.23 -35.00 -5.44
CA VAL B 361 -15.94 -34.02 -4.39
C VAL B 361 -15.77 -32.66 -5.05
N LYS B 362 -16.35 -31.63 -4.42
CA LYS B 362 -16.26 -30.26 -4.92
C LYS B 362 -15.60 -29.37 -3.87
N TYR B 363 -14.64 -28.56 -4.30
CA TYR B 363 -13.95 -27.62 -3.44
C TYR B 363 -14.13 -26.20 -3.95
N ALA B 364 -14.20 -25.25 -3.02
CA ALA B 364 -14.24 -23.83 -3.34
C ALA B 364 -13.05 -23.14 -2.68
N LEU B 365 -12.59 -22.06 -3.31
CA LEU B 365 -11.42 -21.34 -2.81
C LEU B 365 -11.78 -20.61 -1.51
N ALA B 366 -11.07 -20.95 -0.44
CA ALA B 366 -11.25 -20.30 0.85
C ALA B 366 -10.20 -19.22 1.04
N ARG B 367 -10.62 -18.07 1.58
CA ARG B 367 -9.74 -16.96 1.86
C ARG B 367 -9.63 -16.80 3.37
N GLU B 368 -8.47 -17.15 3.92
CA GLU B 368 -8.28 -17.28 5.36
C GLU B 368 -7.40 -16.16 5.89
N PHE B 369 -7.82 -15.56 7.00
CA PHE B 369 -7.08 -14.50 7.67
C PHE B 369 -6.76 -14.96 9.09
N THR B 370 -5.50 -14.82 9.48
CA THR B 370 -5.02 -15.31 10.78
C THR B 370 -4.26 -14.22 11.49
N LEU B 371 -4.70 -13.86 12.69
CA LEU B 371 -4.04 -12.88 13.53
C LEU B 371 -3.14 -13.61 14.53
N LYS B 372 -1.85 -13.32 14.49
CA LYS B 372 -0.88 -13.98 15.36
C LYS B 372 -0.10 -12.95 16.17
N ARG B 373 0.36 -13.38 17.35
CA ARG B 373 1.21 -12.56 18.18
C ARG B 373 2.66 -12.66 17.71
N VAL B 374 3.53 -11.86 18.34
CA VAL B 374 4.94 -11.85 17.93
C VAL B 374 5.59 -13.20 18.15
N ASN B 375 5.24 -13.87 19.27
CA ASN B 375 5.79 -15.19 19.55
C ASN B 375 5.20 -16.28 18.65
N GLY B 376 4.19 -15.96 17.84
CA GLY B 376 3.61 -16.90 16.92
C GLY B 376 2.31 -17.53 17.35
N GLU B 377 1.79 -17.20 18.54
CA GLU B 377 0.53 -17.76 18.99
C GLU B 377 -0.63 -17.17 18.20
N ILE B 378 -1.56 -18.03 17.81
CA ILE B 378 -2.70 -17.61 17.01
C ILE B 378 -3.76 -17.04 17.92
N VAL B 379 -4.26 -15.85 17.59
CA VAL B 379 -5.32 -15.22 18.36
C VAL B 379 -6.70 -15.62 17.87
N LYS B 380 -6.90 -15.63 16.55
CA LYS B 380 -8.18 -15.95 15.96
C LYS B 380 -7.99 -16.25 14.48
N ASN B 381 -8.99 -16.92 13.89
CA ASN B 381 -9.02 -17.18 12.45
C ASN B 381 -10.38 -16.79 11.90
N TRP B 382 -10.38 -16.25 10.69
CA TRP B 382 -11.61 -15.87 9.98
C TRP B 382 -11.50 -16.36 8.56
N VAL B 383 -12.49 -17.14 8.12
CA VAL B 383 -12.48 -17.77 6.80
C VAL B 383 -13.74 -17.35 6.05
N ALA B 384 -13.55 -16.97 4.78
CA ALA B 384 -14.65 -16.71 3.86
C ALA B 384 -14.46 -17.60 2.63
N VAL B 385 -15.51 -18.32 2.25
CA VAL B 385 -15.44 -19.30 1.17
C VAL B 385 -15.91 -18.63 -0.12
N ASP B 386 -14.99 -18.50 -1.08
CA ASP B 386 -15.27 -17.81 -2.34
C ASP B 386 -15.90 -18.79 -3.32
N TYR B 387 -17.22 -18.67 -3.48
CA TYR B 387 -17.97 -19.53 -4.40
C TYR B 387 -17.67 -19.25 -5.86
N ARG B 388 -16.93 -18.18 -6.17
CA ARG B 388 -16.67 -17.82 -7.55
C ARG B 388 -15.54 -18.64 -8.18
N LEU B 389 -14.79 -19.39 -7.38
CA LEU B 389 -13.68 -20.21 -7.87
C LEU B 389 -13.84 -21.60 -7.25
N ALA B 390 -14.43 -22.52 -8.01
CA ALA B 390 -14.71 -23.86 -7.52
C ALA B 390 -14.40 -24.89 -8.59
N GLY B 391 -14.10 -26.11 -8.15
CA GLY B 391 -13.81 -27.20 -9.07
C GLY B 391 -14.22 -28.53 -8.47
N ILE B 392 -14.17 -29.56 -9.31
CA ILE B 392 -14.62 -30.90 -8.95
C ILE B 392 -13.53 -31.90 -9.30
N GLN B 393 -13.38 -32.93 -8.45
CA GLN B 393 -12.55 -34.09 -8.73
C GLN B 393 -13.37 -35.35 -8.51
N SER B 394 -12.87 -36.48 -9.00
CA SER B 394 -13.64 -37.71 -8.92
C SER B 394 -12.72 -38.92 -8.92
N TYR B 395 -13.25 -40.02 -8.38
CA TYR B 395 -12.68 -41.34 -8.58
C TYR B 395 -13.81 -42.27 -9.02
N PRO B 396 -13.64 -43.04 -10.11
CA PRO B 396 -12.45 -43.02 -10.99
C PRO B 396 -12.35 -41.74 -11.80
N ASN B 397 -11.11 -41.36 -12.14
CA ASN B 397 -10.87 -40.09 -12.81
C ASN B 397 -10.89 -40.29 -14.33
N ALA B 398 -10.60 -39.22 -15.06
CA ALA B 398 -10.51 -39.31 -16.50
C ALA B 398 -9.30 -40.15 -16.91
N PRO B 399 -9.37 -40.85 -18.05
CA PRO B 399 -10.48 -40.88 -19.01
C PRO B 399 -11.47 -42.00 -18.76
N ILE B 400 -11.47 -42.56 -17.55
CA ILE B 400 -12.38 -43.67 -17.25
C ILE B 400 -13.81 -43.16 -17.13
N THR B 401 -14.01 -42.06 -16.43
CA THR B 401 -15.32 -41.46 -16.25
C THR B 401 -15.41 -40.15 -17.01
N ASN B 402 -16.64 -39.75 -17.32
CA ASN B 402 -16.96 -38.49 -17.97
C ASN B 402 -17.21 -37.40 -16.93
N PRO B 403 -16.96 -36.14 -17.28
CA PRO B 403 -17.08 -35.07 -16.27
C PRO B 403 -18.52 -34.88 -15.82
N LEU B 404 -18.66 -34.50 -14.55
CA LEU B 404 -19.96 -34.19 -13.99
C LEU B 404 -20.55 -32.95 -14.66
N THR B 405 -21.87 -32.92 -14.76
CA THR B 405 -22.59 -31.85 -15.43
C THR B 405 -23.56 -31.18 -14.46
N LEU B 406 -23.52 -29.85 -14.39
CA LEU B 406 -24.46 -29.07 -13.60
C LEU B 406 -25.70 -28.81 -14.44
N THR B 407 -26.85 -29.29 -13.97
CA THR B 407 -28.09 -29.20 -14.74
C THR B 407 -29.13 -28.26 -14.14
N LYS B 408 -28.91 -27.75 -12.93
CA LYS B 408 -29.87 -26.85 -12.32
C LYS B 408 -29.17 -26.07 -11.20
N HIS B 409 -29.58 -24.81 -11.04
CA HIS B 409 -29.00 -23.93 -10.04
C HIS B 409 -30.09 -23.03 -9.50
N THR B 410 -30.31 -23.08 -8.18
CA THR B 410 -31.28 -22.24 -7.50
C THR B 410 -30.65 -21.66 -6.25
N ILE B 411 -30.80 -20.35 -6.05
CA ILE B 411 -30.35 -19.68 -4.85
C ILE B 411 -31.44 -19.80 -3.79
N ILE B 412 -31.12 -20.44 -2.67
CA ILE B 412 -32.11 -20.73 -1.63
C ILE B 412 -32.22 -19.58 -0.63
N ARG B 413 -31.08 -19.16 -0.06
CA ARG B 413 -31.11 -18.13 0.96
C ARG B 413 -29.87 -17.25 0.85
N CYS B 414 -30.08 -15.94 0.78
CA CYS B 414 -29.00 -14.96 0.75
C CYS B 414 -29.60 -13.61 1.12
N GLU B 415 -28.96 -12.89 2.03
CA GLU B 415 -29.52 -11.67 2.59
C GLU B 415 -29.18 -10.42 1.81
N ASN B 416 -28.56 -10.55 0.64
CA ASN B 416 -28.30 -9.39 -0.20
C ASN B 416 -28.33 -9.82 -1.66
N SER B 417 -28.62 -8.87 -2.55
CA SER B 417 -28.72 -9.12 -3.97
C SER B 417 -27.48 -8.61 -4.73
N TYR B 418 -26.31 -8.65 -4.10
CA TYR B 418 -25.09 -8.24 -4.80
C TYR B 418 -24.78 -9.18 -5.96
N ASP B 419 -24.97 -10.49 -5.76
CA ASP B 419 -24.82 -11.49 -6.81
C ASP B 419 -26.02 -12.42 -6.75
N GLY B 420 -27.09 -12.04 -7.45
CA GLY B 420 -28.27 -12.88 -7.52
C GLY B 420 -28.36 -13.64 -8.84
N HIS B 421 -27.21 -14.06 -9.36
CA HIS B 421 -27.13 -14.73 -10.65
C HIS B 421 -26.86 -16.22 -10.46
N ILE B 422 -27.38 -17.01 -11.39
CA ILE B 422 -27.15 -18.45 -11.41
C ILE B 422 -26.39 -18.80 -12.68
N PHE B 423 -25.78 -19.98 -12.68
CA PHE B 423 -25.12 -20.47 -13.87
C PHE B 423 -26.16 -20.85 -14.93
N LYS B 424 -25.86 -20.48 -16.17
CA LYS B 424 -26.68 -20.94 -17.30
C LYS B 424 -26.45 -22.43 -17.50
N THR B 425 -27.49 -23.23 -17.25
CA THR B 425 -27.38 -24.68 -17.35
C THR B 425 -27.70 -25.15 -18.76
N PRO B 426 -27.11 -26.26 -19.21
CA PRO B 426 -26.15 -27.11 -18.49
C PRO B 426 -24.73 -26.55 -18.49
N LEU B 427 -23.93 -26.99 -17.52
CA LEU B 427 -22.53 -26.57 -17.41
C LEU B 427 -21.71 -27.77 -16.93
N ILE B 428 -20.60 -28.03 -17.62
CA ILE B 428 -19.77 -29.20 -17.34
C ILE B 428 -18.63 -28.78 -16.43
N PHE B 429 -18.52 -29.45 -15.28
CA PHE B 429 -17.41 -29.24 -14.34
C PHE B 429 -16.36 -30.32 -14.62
N LYS B 430 -15.41 -30.00 -15.49
CA LYS B 430 -14.34 -30.93 -15.80
C LYS B 430 -13.43 -31.15 -14.60
N ASN B 431 -12.88 -32.36 -14.50
CA ASN B 431 -12.04 -32.71 -13.35
C ASN B 431 -10.79 -31.85 -13.32
N GLY B 432 -10.60 -31.15 -12.20
CA GLY B 432 -9.42 -30.35 -11.98
C GLY B 432 -9.56 -28.88 -12.35
N GLU B 433 -10.32 -28.57 -13.39
CA GLU B 433 -10.42 -27.18 -13.84
C GLU B 433 -11.24 -26.36 -12.87
N VAL B 434 -10.88 -25.09 -12.74
CA VAL B 434 -11.54 -24.15 -11.83
C VAL B 434 -12.57 -23.37 -12.64
N ILE B 435 -13.84 -23.47 -12.24
CA ILE B 435 -14.92 -22.74 -12.89
C ILE B 435 -14.95 -21.34 -12.29
N VAL B 436 -14.59 -20.34 -13.09
CA VAL B 436 -14.61 -18.95 -12.66
C VAL B 436 -15.97 -18.38 -13.06
N LYS B 437 -16.81 -18.08 -12.05
CA LYS B 437 -18.21 -17.73 -12.33
C LYS B 437 -18.31 -16.51 -13.23
N THR B 438 -17.42 -15.53 -13.07
CA THR B 438 -17.46 -14.32 -13.88
C THR B 438 -17.06 -14.56 -15.32
N ASN B 439 -16.56 -15.75 -15.66
CA ASN B 439 -16.21 -16.10 -17.04
C ASN B 439 -17.25 -17.02 -17.69
N GLU B 440 -18.36 -17.28 -17.01
CA GLU B 440 -19.41 -18.15 -17.53
C GLU B 440 -20.67 -17.33 -17.79
N GLU B 441 -21.55 -17.90 -18.62
CA GLU B 441 -22.83 -17.25 -18.87
C GLU B 441 -23.73 -17.41 -17.66
N LEU B 442 -24.30 -16.30 -17.20
CA LEU B 442 -25.14 -16.26 -16.01
C LEU B 442 -26.53 -15.79 -16.37
N ILE B 443 -27.47 -15.97 -15.44
CA ILE B 443 -28.85 -15.57 -15.60
C ILE B 443 -29.26 -14.76 -14.37
N PRO B 444 -29.64 -13.48 -14.50
CA PRO B 444 -29.67 -12.70 -15.75
C PRO B 444 -28.27 -12.41 -16.30
N LYS B 445 -28.19 -12.11 -17.59
CA LYS B 445 -26.90 -11.95 -18.25
C LYS B 445 -26.18 -10.70 -17.75
N ILE B 446 -24.85 -10.74 -17.80
CA ILE B 446 -23.98 -9.66 -17.36
C ILE B 446 -22.99 -9.35 -18.46
N ASN B 447 -22.12 -8.37 -18.21
CA ASN B 447 -21.08 -7.96 -19.16
C ASN B 447 -21.69 -7.68 -20.52
N GLN B 448 -22.85 -7.03 -20.51
N GLN B 448 -24.20 -6.32 -20.31
CA GLN B 448 -23.62 -6.73 -21.71
CA GLN B 448 -24.86 -6.15 -21.60
C GLN B 448 -23.49 -5.25 -22.08
C GLN B 448 -24.40 -4.83 -22.20
#